data_5F7P
#
_entry.id   5F7P
#
_cell.length_a   68.970
_cell.length_b   81.785
_cell.length_c   141.089
_cell.angle_alpha   90.00
_cell.angle_beta   90.00
_cell.angle_gamma   90.00
#
_symmetry.space_group_name_H-M   'P 21 21 21'
#
loop_
_entity.id
_entity.type
_entity.pdbx_description
1 polymer 'Lmo0178 protein'
2 non-polymer 'ZINC ION'
3 water water
#
_entity_poly.entity_id   1
_entity_poly.type   'polypeptide(L)'
_entity_poly.pdbx_seq_one_letter_code
;SNAMDILRKGNKDLIKDINRYTVLNLIREKGEITRTEIAKKCDFGMSTLTYILDDLQQEGIILEGAETSSTGGRRAKLVR
FNKDYGFVVSVKVEEEQLLFALTDLNAEIIENTSIPFSSEKKPEEAIELIAKNVKKMCGNRDMNHLLGVGIAISGLVNRK
KGTVIRSTMLGWENVALEAMLHAHFPDIPVYVDKNINCYTLAELWLGEGKQSNNFATVSVGAGLGLSVVINRQIYYGAQG
GAGEFGHTTIQPGGYKCHCGQKGCLEMYASEFYFRNRGEELKEAYPTSELNDFHFDKVAKSARAGDEMATELMGKMGEYL
GYGIRNIINTFNPEKVIIVGEGLHHRDLFLTKIDEIASQNFFSGAGFETEITTTSLEDPAWLQGAALLVIHQLFQVPIYE
EEQTLLR
;
_entity_poly.pdbx_strand_id   E,A
#
loop_
_chem_comp.id
_chem_comp.type
_chem_comp.name
_chem_comp.formula
ZN non-polymer 'ZINC ION' 'Zn 2'
#
# COMPACT_ATOMS: atom_id res chain seq x y z
N GLY A 86 6.96 -26.53 -28.36
CA GLY A 86 5.82 -25.59 -28.11
C GLY A 86 6.24 -24.13 -27.91
N PHE A 87 5.95 -23.28 -28.89
CA PHE A 87 6.33 -21.85 -28.83
C PHE A 87 5.22 -20.93 -28.29
N VAL A 88 5.50 -19.61 -28.21
CA VAL A 88 4.54 -18.58 -27.73
C VAL A 88 4.66 -17.30 -28.57
N VAL A 89 3.58 -16.51 -28.63
CA VAL A 89 3.57 -15.20 -29.33
C VAL A 89 3.07 -14.07 -28.40
N SER A 90 3.95 -13.13 -28.10
CA SER A 90 3.61 -12.02 -27.23
C SER A 90 3.18 -10.82 -28.05
N VAL A 91 2.16 -10.13 -27.56
CA VAL A 91 1.59 -8.97 -28.23
C VAL A 91 1.70 -7.76 -27.34
N LYS A 92 1.87 -6.58 -27.94
CA LYS A 92 1.89 -5.35 -27.18
C LYS A 92 1.23 -4.25 -28.02
N VAL A 93 0.26 -3.57 -27.41
CA VAL A 93 -0.53 -2.58 -28.11
C VAL A 93 0.00 -1.15 -27.88
N GLU A 94 0.41 -0.49 -28.98
CA GLU A 94 0.90 0.89 -28.95
C GLU A 94 0.15 1.81 -29.92
N LEU A 98 1.42 -1.31 -32.97
CA LEU A 98 1.39 -2.69 -32.50
C LEU A 98 2.76 -3.35 -32.53
N LEU A 99 3.05 -4.20 -31.52
CA LEU A 99 4.31 -4.96 -31.44
C LEU A 99 4.02 -6.46 -31.25
N PHE A 100 4.62 -7.29 -32.10
CA PHE A 100 4.46 -8.75 -32.04
C PHE A 100 5.81 -9.38 -31.83
N ALA A 101 5.83 -10.66 -31.48
CA ALA A 101 7.10 -11.34 -31.23
C ALA A 101 6.93 -12.83 -31.00
N LEU A 102 7.79 -13.60 -31.67
CA LEU A 102 7.78 -15.05 -31.55
C LEU A 102 8.87 -15.43 -30.54
N THR A 103 8.53 -16.26 -29.55
CA THR A 103 9.50 -16.68 -28.56
C THR A 103 9.30 -18.15 -28.25
N ASP A 104 10.33 -18.77 -27.71
CA ASP A 104 10.29 -20.15 -27.24
C ASP A 104 9.85 -20.14 -25.76
N LEU A 105 10.09 -21.23 -25.03
CA LEU A 105 9.71 -21.28 -23.60
C LEU A 105 10.71 -20.61 -22.63
N ASN A 106 11.75 -20.01 -23.18
CA ASN A 106 12.69 -19.25 -22.35
C ASN A 106 12.60 -17.72 -22.60
N ALA A 107 11.48 -17.35 -23.22
CA ALA A 107 11.19 -15.99 -23.57
C ALA A 107 12.14 -15.36 -24.57
N GLU A 108 12.90 -16.16 -25.34
CA GLU A 108 13.84 -15.59 -26.29
C GLU A 108 13.15 -15.13 -27.53
N ILE A 109 13.37 -13.87 -27.87
CA ILE A 109 12.77 -13.26 -29.05
C ILE A 109 13.42 -13.88 -30.29
N ILE A 110 12.65 -14.66 -31.02
CA ILE A 110 13.17 -15.24 -32.23
C ILE A 110 12.87 -14.30 -33.41
N GLU A 111 11.64 -13.81 -33.48
CA GLU A 111 11.23 -12.93 -34.58
C GLU A 111 10.13 -11.94 -34.17
N ASN A 112 10.44 -10.64 -34.25
CA ASN A 112 9.47 -9.58 -33.98
C ASN A 112 9.18 -8.73 -35.21
N THR A 113 8.11 -7.96 -35.13
CA THR A 113 7.70 -7.02 -36.17
C THR A 113 7.20 -5.72 -35.52
N SER A 114 7.00 -4.67 -36.31
CA SER A 114 6.51 -3.37 -35.79
C SER A 114 5.55 -2.71 -36.79
N ILE A 115 4.29 -3.14 -36.73
CA ILE A 115 3.22 -2.66 -37.59
C ILE A 115 2.72 -1.26 -37.16
N PRO A 116 2.77 -0.28 -38.08
CA PRO A 116 2.32 1.07 -37.76
C PRO A 116 0.80 1.21 -37.83
N PHE A 117 0.18 1.52 -36.69
CA PHE A 117 -1.27 1.66 -36.62
C PHE A 117 -1.71 2.37 -35.33
N SER A 118 -2.73 3.21 -35.47
CA SER A 118 -3.28 3.95 -34.35
C SER A 118 -4.63 3.32 -33.97
N SER A 119 -4.78 2.99 -32.68
CA SER A 119 -5.98 2.33 -32.17
C SER A 119 -6.79 3.24 -31.22
N GLU A 120 -6.95 4.49 -31.64
CA GLU A 120 -7.71 5.47 -30.86
C GLU A 120 -9.21 5.20 -31.06
N LYS A 121 -9.82 4.54 -30.07
CA LYS A 121 -11.25 4.16 -30.07
C LYS A 121 -11.58 3.21 -31.23
N LYS A 122 -10.61 2.36 -31.59
CA LYS A 122 -10.71 1.44 -32.70
C LYS A 122 -10.28 0.04 -32.28
N PRO A 123 -11.10 -0.66 -31.48
CA PRO A 123 -10.76 -2.00 -30.99
C PRO A 123 -11.13 -3.16 -31.92
N GLU A 124 -12.32 -3.13 -32.55
CA GLU A 124 -12.72 -4.21 -33.48
C GLU A 124 -11.75 -4.36 -34.65
N GLU A 125 -11.28 -3.23 -35.18
CA GLU A 125 -10.31 -3.27 -36.28
C GLU A 125 -8.89 -3.62 -35.79
N ALA A 126 -8.51 -3.14 -34.61
CA ALA A 126 -7.18 -3.40 -34.04
C ALA A 126 -6.92 -4.89 -33.82
N ILE A 127 -7.94 -5.59 -33.31
CA ILE A 127 -7.86 -7.03 -33.10
C ILE A 127 -7.68 -7.82 -34.41
N GLU A 128 -8.24 -7.31 -35.52
CA GLU A 128 -8.13 -7.99 -36.83
C GLU A 128 -6.73 -7.89 -37.42
N LEU A 129 -6.04 -6.79 -37.15
CA LEU A 129 -4.66 -6.59 -37.60
C LEU A 129 -3.71 -7.43 -36.74
N ILE A 130 -4.08 -7.63 -35.49
CA ILE A 130 -3.32 -8.48 -34.57
C ILE A 130 -3.41 -9.94 -35.02
N ALA A 131 -4.61 -10.51 -34.98
CA ALA A 131 -4.83 -11.91 -35.38
C ALA A 131 -4.20 -12.21 -36.74
N LYS A 132 -4.14 -11.19 -37.60
CA LYS A 132 -3.52 -11.31 -38.91
C LYS A 132 -2.03 -11.55 -38.76
N ASN A 133 -1.35 -10.59 -38.13
CA ASN A 133 0.10 -10.64 -37.92
C ASN A 133 0.51 -11.77 -36.98
N VAL A 134 -0.40 -12.16 -36.09
CA VAL A 134 -0.16 -13.27 -35.16
C VAL A 134 0.01 -14.59 -35.91
N LYS A 135 -0.84 -14.82 -36.91
CA LYS A 135 -0.76 -16.05 -37.69
C LYS A 135 0.41 -15.98 -38.68
N LYS A 136 0.80 -14.76 -39.08
CA LYS A 136 1.92 -14.53 -40.02
C LYS A 136 3.31 -15.03 -39.56
N MET A 137 3.63 -14.89 -38.28
CA MET A 137 4.92 -15.39 -37.78
C MET A 137 4.98 -16.91 -37.73
N CYS A 138 3.85 -17.57 -37.96
CA CYS A 138 3.76 -19.04 -37.89
C CYS A 138 3.82 -19.72 -39.28
N LEU A 146 2.64 -23.05 -30.87
CA LEU A 146 1.84 -21.92 -30.39
C LEU A 146 0.91 -22.40 -29.28
N LEU A 147 1.41 -22.36 -28.05
CA LEU A 147 0.65 -22.79 -26.88
C LEU A 147 -0.22 -21.66 -26.33
N GLY A 148 0.13 -20.41 -26.64
CA GLY A 148 -0.66 -19.28 -26.20
C GLY A 148 -0.16 -17.94 -26.73
N VAL A 149 -0.99 -16.91 -26.51
CA VAL A 149 -0.68 -15.53 -26.84
C VAL A 149 -0.87 -14.74 -25.55
N GLY A 150 0.08 -13.84 -25.27
CA GLY A 150 0.04 -12.96 -24.10
C GLY A 150 -0.06 -11.55 -24.65
N ILE A 151 -0.86 -10.69 -24.01
CA ILE A 151 -1.01 -9.32 -24.48
C ILE A 151 -0.82 -8.31 -23.37
N ALA A 152 0.26 -7.55 -23.47
CA ALA A 152 0.55 -6.48 -22.54
C ALA A 152 -0.09 -5.21 -23.07
N ILE A 153 -0.78 -4.45 -22.21
CA ILE A 153 -1.40 -3.21 -22.65
C ILE A 153 -1.53 -2.17 -21.54
N SER A 154 -1.65 -0.90 -21.97
CA SER A 154 -1.87 0.22 -21.08
C SER A 154 -3.37 0.41 -20.77
N GLY A 155 -3.72 0.26 -19.49
CA GLY A 155 -5.09 0.41 -19.03
C GLY A 155 -5.35 -0.41 -17.78
N LEU A 156 -6.61 -0.43 -17.37
CA LEU A 156 -7.05 -1.26 -16.26
C LEU A 156 -7.43 -2.59 -16.94
N VAL A 157 -7.29 -3.70 -16.24
CA VAL A 157 -7.55 -5.01 -16.83
C VAL A 157 -8.03 -6.01 -15.81
N ASN A 158 -8.99 -6.84 -16.20
CA ASN A 158 -9.50 -7.91 -15.36
C ASN A 158 -9.10 -9.28 -15.92
N ARG A 159 -7.86 -9.66 -15.63
CA ARG A 159 -7.25 -10.91 -16.06
C ARG A 159 -8.12 -12.15 -15.91
N LYS A 160 -8.98 -12.19 -14.89
CA LYS A 160 -9.85 -13.35 -14.68
C LYS A 160 -10.74 -13.56 -15.92
N LYS A 161 -11.39 -12.49 -16.35
CA LYS A 161 -12.24 -12.52 -17.54
C LYS A 161 -11.45 -12.14 -18.78
N GLY A 162 -10.24 -11.61 -18.56
CA GLY A 162 -9.36 -11.15 -19.64
C GLY A 162 -9.96 -9.96 -20.35
N THR A 163 -10.59 -9.06 -19.59
CA THR A 163 -11.27 -7.91 -20.19
C THR A 163 -10.46 -6.67 -19.96
N VAL A 164 -10.48 -5.78 -20.95
CA VAL A 164 -9.77 -4.53 -20.81
C VAL A 164 -10.84 -3.66 -20.25
N ILE A 165 -10.77 -3.41 -18.95
CA ILE A 165 -11.79 -2.62 -18.29
C ILE A 165 -11.75 -1.18 -18.77
N ARG A 166 -10.55 -0.67 -19.01
CA ARG A 166 -10.45 0.72 -19.36
C ARG A 166 -9.03 1.15 -19.75
N SER A 167 -8.91 1.66 -20.96
CA SER A 167 -7.66 2.25 -21.42
C SER A 167 -7.98 3.68 -21.71
N THR A 168 -7.54 4.56 -20.80
CA THR A 168 -7.76 6.00 -20.96
C THR A 168 -6.89 6.54 -22.11
N MET A 169 -5.71 5.97 -22.30
CA MET A 169 -4.89 6.35 -23.44
C MET A 169 -5.69 6.17 -24.72
N LEU A 170 -5.95 4.90 -25.05
CA LEU A 170 -6.60 4.51 -26.29
C LEU A 170 -8.11 4.73 -26.35
N GLY A 171 -8.73 5.08 -25.21
CA GLY A 171 -10.17 5.26 -25.13
C GLY A 171 -10.96 3.96 -25.32
N TRP A 172 -10.57 2.90 -24.59
CA TRP A 172 -11.23 1.59 -24.65
C TRP A 172 -12.04 1.29 -23.40
N GLU A 173 -13.31 0.91 -23.60
CA GLU A 173 -14.23 0.63 -22.48
C GLU A 173 -14.80 -0.78 -22.55
N ASN A 174 -14.40 -1.64 -21.62
CA ASN A 174 -14.88 -3.02 -21.53
C ASN A 174 -14.83 -3.74 -22.86
N VAL A 175 -13.61 -4.05 -23.27
CA VAL A 175 -13.36 -4.80 -24.48
C VAL A 175 -12.97 -6.20 -24.01
N ALA A 176 -13.72 -7.22 -24.43
CA ALA A 176 -13.44 -8.60 -24.00
C ALA A 176 -12.37 -9.21 -24.91
N LEU A 177 -11.15 -8.69 -24.79
CA LEU A 177 -10.01 -9.07 -25.65
C LEU A 177 -9.68 -10.57 -25.63
N GLU A 178 -9.72 -11.20 -24.44
CA GLU A 178 -9.49 -12.65 -24.31
C GLU A 178 -10.54 -13.50 -25.05
N ALA A 179 -11.76 -12.97 -25.22
CA ALA A 179 -12.85 -13.68 -25.95
C ALA A 179 -12.90 -13.35 -27.46
N MET A 180 -12.59 -12.10 -27.81
CA MET A 180 -12.53 -11.60 -29.19
C MET A 180 -11.41 -12.25 -30.02
N LEU A 181 -10.43 -12.86 -29.36
CA LEU A 181 -9.37 -13.60 -30.05
C LEU A 181 -9.72 -15.08 -30.24
N HIS A 182 -10.58 -15.64 -29.37
CA HIS A 182 -11.04 -17.02 -29.57
C HIS A 182 -11.85 -17.15 -30.85
N ALA A 183 -12.27 -16.01 -31.39
CA ALA A 183 -12.93 -15.97 -32.70
C ALA A 183 -11.90 -16.41 -33.76
N HIS A 184 -10.65 -16.01 -33.55
CA HIS A 184 -9.55 -16.37 -34.45
C HIS A 184 -8.70 -17.57 -33.99
N PHE A 185 -8.72 -17.91 -32.69
CA PHE A 185 -7.90 -19.03 -32.17
C PHE A 185 -8.62 -19.81 -31.06
N PRO A 186 -9.87 -20.23 -31.29
CA PRO A 186 -10.75 -20.89 -30.32
C PRO A 186 -10.18 -21.57 -29.06
N ASP A 187 -9.26 -22.51 -29.23
CA ASP A 187 -8.78 -23.30 -28.08
C ASP A 187 -7.39 -22.94 -27.56
N ILE A 188 -6.76 -21.94 -28.17
CA ILE A 188 -5.45 -21.46 -27.72
C ILE A 188 -5.70 -20.58 -26.48
N PRO A 189 -5.02 -20.86 -25.33
CA PRO A 189 -5.19 -19.95 -24.18
C PRO A 189 -4.55 -18.58 -24.42
N VAL A 190 -5.36 -17.53 -24.20
CA VAL A 190 -4.95 -16.13 -24.37
C VAL A 190 -5.07 -15.39 -23.02
N TYR A 191 -4.03 -14.64 -22.64
CA TYR A 191 -4.01 -13.89 -21.38
C TYR A 191 -3.59 -12.46 -21.60
N VAL A 192 -4.17 -11.54 -20.82
CA VAL A 192 -3.88 -10.11 -20.91
C VAL A 192 -3.39 -9.54 -19.59
N ASP A 193 -2.55 -8.51 -19.65
CA ASP A 193 -2.08 -7.81 -18.44
C ASP A 193 -1.56 -6.39 -18.65
N LYS A 194 -1.42 -5.69 -17.53
CA LYS A 194 -0.89 -4.33 -17.49
C LYS A 194 0.59 -4.42 -17.97
N ASN A 195 0.98 -3.54 -18.88
CA ASN A 195 2.33 -3.60 -19.47
C ASN A 195 3.46 -3.53 -18.45
N ILE A 196 3.27 -2.77 -17.39
CA ILE A 196 4.24 -2.70 -16.32
C ILE A 196 4.34 -4.05 -15.56
N ASN A 197 3.24 -4.82 -15.50
CA ASN A 197 3.30 -6.14 -14.84
C ASN A 197 3.92 -7.15 -15.77
N CYS A 198 3.89 -6.88 -17.07
CA CYS A 198 4.53 -7.78 -18.06
C CYS A 198 6.05 -7.60 -17.99
N TYR A 199 6.49 -6.35 -18.01
CA TYR A 199 7.88 -6.06 -17.80
C TYR A 199 8.38 -6.69 -16.46
N THR A 200 7.58 -6.62 -15.41
CA THR A 200 8.02 -7.11 -14.09
C THR A 200 8.28 -8.62 -14.08
N LEU A 201 7.44 -9.34 -14.82
CA LEU A 201 7.64 -10.78 -14.97
C LEU A 201 9.02 -10.97 -15.61
N ALA A 202 9.36 -10.12 -16.59
CA ALA A 202 10.66 -10.18 -17.25
C ALA A 202 11.77 -10.00 -16.24
N GLU A 203 11.64 -9.00 -15.34
CA GLU A 203 12.65 -8.77 -14.29
C GLU A 203 12.65 -9.94 -13.32
N LEU A 204 11.46 -10.46 -13.03
CA LEU A 204 11.38 -11.59 -12.11
C LEU A 204 12.11 -12.86 -12.56
N TRP A 205 12.23 -13.06 -13.88
CA TRP A 205 12.82 -14.30 -14.40
C TRP A 205 14.09 -14.15 -15.23
N LEU A 206 14.38 -12.94 -15.69
CA LEU A 206 15.59 -12.69 -16.46
C LEU A 206 16.40 -11.60 -15.79
N GLY A 207 15.71 -10.51 -15.47
CA GLY A 207 16.35 -9.34 -14.89
C GLY A 207 16.67 -9.46 -13.42
N GLU A 208 16.40 -8.39 -12.69
CA GLU A 208 16.80 -8.33 -11.30
C GLU A 208 15.79 -8.85 -10.29
N GLY A 209 15.29 -10.05 -10.60
CA GLY A 209 14.41 -10.80 -9.73
C GLY A 209 15.13 -12.06 -9.28
N LYS A 210 16.19 -12.44 -9.99
CA LYS A 210 16.97 -13.63 -9.61
C LYS A 210 17.57 -13.53 -8.20
N GLN A 211 17.52 -12.34 -7.61
CA GLN A 211 18.00 -12.15 -6.24
C GLN A 211 16.86 -11.67 -5.35
N SER A 212 16.28 -10.53 -5.71
CA SER A 212 15.21 -9.93 -4.91
C SER A 212 13.90 -10.68 -5.03
N ASN A 213 13.38 -11.07 -3.88
CA ASN A 213 12.09 -11.74 -3.80
C ASN A 213 10.97 -10.73 -3.52
N ASN A 214 11.30 -9.45 -3.45
CA ASN A 214 10.29 -8.42 -3.13
C ASN A 214 10.76 -6.98 -3.29
N PHE A 215 10.30 -6.35 -4.35
CA PHE A 215 10.71 -5.04 -4.74
C PHE A 215 9.57 -4.32 -5.41
N ALA A 216 9.88 -3.22 -6.08
CA ALA A 216 8.90 -2.47 -6.81
C ALA A 216 9.55 -1.99 -8.12
N THR A 217 8.83 -2.10 -9.23
CA THR A 217 9.29 -1.62 -10.53
C THR A 217 8.46 -0.43 -10.93
N VAL A 218 9.12 0.60 -11.41
CA VAL A 218 8.47 1.84 -11.84
C VAL A 218 8.90 2.19 -13.24
N SER A 219 7.93 2.49 -14.11
CA SER A 219 8.21 2.82 -15.51
C SER A 219 8.14 4.30 -15.73
N VAL A 220 9.25 4.88 -16.16
CA VAL A 220 9.28 6.28 -16.55
C VAL A 220 9.23 6.27 -18.06
N GLY A 221 8.43 7.17 -18.62
CA GLY A 221 8.32 7.25 -20.05
C GLY A 221 7.24 8.20 -20.50
N ALA A 222 6.25 7.64 -21.17
CA ALA A 222 5.20 8.46 -21.72
C ALA A 222 4.12 8.62 -20.67
N GLY A 223 4.26 7.87 -19.58
CA GLY A 223 3.33 7.90 -18.45
C GLY A 223 3.88 7.00 -17.37
N LEU A 224 3.36 7.14 -16.14
CA LEU A 224 3.86 6.37 -14.97
C LEU A 224 3.22 5.05 -14.66
N GLY A 225 4.05 4.02 -14.47
CA GLY A 225 3.58 2.71 -14.13
C GLY A 225 4.24 2.21 -12.89
N LEU A 226 3.58 1.32 -12.18
CA LEU A 226 4.15 0.77 -10.95
C LEU A 226 3.68 -0.65 -10.88
N SER A 227 4.55 -1.51 -10.36
CA SER A 227 4.24 -2.90 -10.12
C SER A 227 5.07 -3.33 -8.90
N VAL A 228 4.44 -3.97 -7.91
CA VAL A 228 5.08 -4.32 -6.65
C VAL A 228 5.08 -5.82 -6.38
N VAL A 229 6.27 -6.38 -6.34
CA VAL A 229 6.47 -7.80 -6.09
C VAL A 229 6.62 -8.15 -4.59
N ILE A 230 5.95 -9.23 -4.15
CA ILE A 230 5.97 -9.70 -2.73
C ILE A 230 6.18 -11.24 -2.71
N ASN A 231 7.36 -11.68 -2.24
CA ASN A 231 7.76 -13.11 -2.34
C ASN A 231 7.57 -13.57 -3.76
N ARG A 232 8.18 -12.85 -4.70
CA ARG A 232 8.14 -13.18 -6.12
C ARG A 232 6.74 -13.18 -6.71
N GLN A 233 5.83 -12.39 -6.11
CA GLN A 233 4.44 -12.34 -6.57
C GLN A 233 4.03 -10.90 -6.83
N ILE A 234 3.46 -10.65 -8.01
CA ILE A 234 2.96 -9.32 -8.35
C ILE A 234 1.65 -9.07 -7.57
N TYR A 235 1.53 -7.91 -6.93
CA TYR A 235 0.34 -7.55 -6.16
C TYR A 235 -0.73 -7.00 -7.06
N TYR A 236 -1.91 -7.64 -7.09
CA TYR A 236 -3.02 -7.18 -7.94
C TYR A 236 -4.11 -6.51 -7.18
N GLY A 237 -4.18 -6.77 -5.87
CA GLY A 237 -5.20 -6.16 -5.05
C GLY A 237 -6.50 -6.89 -5.20
N ALA A 238 -7.57 -6.27 -4.73
CA ALA A 238 -8.90 -6.87 -4.71
C ALA A 238 -9.51 -7.18 -6.08
N GLN A 239 -9.50 -6.19 -6.98
CA GLN A 239 -10.13 -6.29 -8.29
C GLN A 239 -9.09 -6.32 -9.40
N GLY A 240 -7.87 -6.73 -9.08
CA GLY A 240 -6.78 -6.76 -10.06
C GLY A 240 -6.16 -5.42 -10.44
N GLY A 241 -6.68 -4.32 -9.88
CA GLY A 241 -6.25 -3.00 -10.32
C GLY A 241 -5.16 -2.29 -9.56
N ALA A 242 -4.57 -2.93 -8.57
CA ALA A 242 -3.55 -2.26 -7.80
C ALA A 242 -2.45 -1.78 -8.70
N GLY A 243 -1.73 -0.80 -8.15
CA GLY A 243 -0.60 -0.18 -8.77
C GLY A 243 -0.91 1.10 -9.50
N GLU A 244 -2.17 1.50 -9.59
CA GLU A 244 -2.44 2.77 -10.28
C GLU A 244 -1.79 4.04 -9.69
N PHE A 245 -0.47 3.98 -9.55
CA PHE A 245 0.35 5.06 -8.99
C PHE A 245 0.45 6.35 -9.78
N GLY A 246 0.16 6.33 -11.07
CA GLY A 246 0.26 7.53 -11.92
C GLY A 246 -0.89 8.49 -11.68
N HIS A 247 -1.96 7.97 -11.10
CA HIS A 247 -3.09 8.85 -10.74
C HIS A 247 -3.23 9.17 -9.25
N THR A 248 -2.09 9.21 -8.56
CA THR A 248 -2.04 9.68 -7.21
C THR A 248 -1.93 11.21 -7.42
N THR A 249 -2.45 11.95 -6.47
CA THR A 249 -2.45 13.37 -6.61
C THR A 249 -1.15 13.97 -6.03
N ILE A 250 -0.27 14.42 -6.91
CA ILE A 250 0.91 15.13 -6.49
C ILE A 250 0.65 16.62 -6.43
N GLN A 251 -0.35 17.12 -7.14
CA GLN A 251 -0.60 18.54 -7.07
C GLN A 251 -2.08 18.83 -7.01
N PRO A 252 -2.63 18.96 -5.77
CA PRO A 252 -4.08 19.12 -5.69
C PRO A 252 -4.47 20.37 -6.45
N GLY A 253 -5.38 20.28 -7.40
CA GLY A 253 -5.79 21.47 -8.16
C GLY A 253 -4.95 21.67 -9.39
N GLY A 254 -4.21 20.62 -9.76
CA GLY A 254 -3.28 20.68 -10.88
C GLY A 254 -3.85 20.38 -12.24
N TYR A 255 -2.98 19.93 -13.13
CA TYR A 255 -3.34 19.72 -14.52
C TYR A 255 -4.40 18.67 -14.74
N LYS A 256 -5.31 18.96 -15.66
CA LYS A 256 -6.29 17.99 -16.04
C LYS A 256 -5.52 16.74 -16.51
N CYS A 257 -6.08 15.57 -16.23
CA CYS A 257 -5.49 14.28 -16.55
C CYS A 257 -6.48 13.51 -17.39
N HIS A 258 -5.97 12.62 -18.22
CA HIS A 258 -6.86 11.84 -19.03
C HIS A 258 -7.88 11.03 -18.24
N CYS A 259 -7.60 10.80 -16.96
CA CYS A 259 -8.51 10.02 -16.11
C CYS A 259 -9.73 10.82 -15.64
N GLY A 260 -9.75 12.13 -15.87
CA GLY A 260 -10.85 12.98 -15.38
C GLY A 260 -10.53 13.77 -14.12
N GLN A 261 -9.42 13.43 -13.47
CA GLN A 261 -9.03 14.10 -12.26
C GLN A 261 -8.00 15.14 -12.50
N LYS A 262 -7.67 15.85 -11.43
CA LYS A 262 -6.68 16.91 -11.51
C LYS A 262 -5.50 16.66 -10.59
N GLY A 263 -4.34 17.01 -11.08
CA GLY A 263 -3.11 16.97 -10.33
C GLY A 263 -2.40 15.64 -10.32
N CYS A 264 -2.84 14.71 -11.17
CA CYS A 264 -2.20 13.42 -11.21
C CYS A 264 -0.69 13.47 -11.39
N LEU A 265 -0.01 12.52 -10.77
CA LEU A 265 1.45 12.44 -10.83
C LEU A 265 1.88 12.31 -12.30
N GLU A 266 1.18 11.46 -13.03
CA GLU A 266 1.49 11.21 -14.44
C GLU A 266 1.56 12.51 -15.23
N MET A 267 0.81 13.52 -14.82
CA MET A 267 0.82 14.81 -15.51
C MET A 267 2.02 15.70 -15.15
N TYR A 268 2.87 15.21 -14.26
CA TYR A 268 3.96 16.00 -13.74
C TYR A 268 5.26 15.29 -13.84
N ALA A 269 5.20 13.98 -13.84
CA ALA A 269 6.39 13.19 -13.64
C ALA A 269 6.62 12.24 -14.78
N SER A 270 6.17 12.65 -15.96
CA SER A 270 6.34 11.93 -17.25
C SER A 270 6.31 12.95 -18.39
N GLU A 271 6.41 12.41 -19.63
CA GLU A 271 6.37 13.15 -20.91
C GLU A 271 5.17 14.10 -21.03
N PHE A 272 4.04 13.66 -20.47
CA PHE A 272 2.82 14.48 -20.36
C PHE A 272 3.09 15.87 -19.78
N TYR A 273 4.04 15.94 -18.85
CA TYR A 273 4.32 17.20 -18.20
C TYR A 273 4.65 18.26 -19.19
N PHE A 274 5.55 17.90 -20.13
CA PHE A 274 6.11 18.79 -21.16
C PHE A 274 5.01 19.45 -21.97
N ARG A 275 4.02 18.66 -22.37
CA ARG A 275 2.87 19.19 -23.09
C ARG A 275 2.16 20.19 -22.16
N ASN A 276 1.71 19.68 -21.02
CA ASN A 276 1.01 20.47 -20.00
C ASN A 276 1.65 21.80 -19.64
N ARG A 277 2.96 21.77 -19.42
CA ARG A 277 3.71 22.94 -19.01
C ARG A 277 4.51 23.69 -20.14
N GLY A 278 4.70 23.07 -21.31
CA GLY A 278 5.43 23.73 -22.39
C GLY A 278 4.75 24.95 -23.00
N GLU A 279 3.43 25.00 -22.89
CA GLU A 279 2.60 26.08 -23.44
C GLU A 279 2.71 27.32 -22.57
N GLU A 280 2.55 27.12 -21.27
CA GLU A 280 2.67 28.24 -20.36
C GLU A 280 4.14 28.72 -20.35
N LEU A 281 5.02 27.93 -20.94
CA LEU A 281 6.43 28.29 -21.09
C LEU A 281 6.80 28.75 -22.52
N LYS A 282 5.82 28.85 -23.42
CA LYS A 282 6.08 29.41 -24.76
C LYS A 282 6.32 30.93 -24.68
N GLU A 283 5.40 31.69 -24.08
CA GLU A 283 5.56 33.15 -24.00
C GLU A 283 6.63 33.59 -22.97
N ALA A 284 6.95 32.74 -21.99
CA ALA A 284 8.00 33.05 -21.04
C ALA A 284 9.38 32.75 -21.65
N TYR A 285 9.39 31.97 -22.74
CA TYR A 285 10.62 31.62 -23.48
C TYR A 285 10.40 31.73 -25.01
N PRO A 286 10.25 32.98 -25.51
CA PRO A 286 9.87 33.25 -26.91
C PRO A 286 10.83 32.71 -27.99
N THR A 287 12.12 32.94 -27.79
CA THR A 287 13.16 32.51 -28.73
C THR A 287 13.64 31.11 -28.40
N SER A 288 12.70 30.20 -28.12
CA SER A 288 13.06 28.85 -27.70
C SER A 288 13.08 27.89 -28.89
N GLU A 289 14.14 27.06 -28.90
CA GLU A 289 14.34 26.03 -29.92
C GLU A 289 13.12 25.10 -29.99
N LEU A 290 12.81 24.51 -28.84
CA LEU A 290 11.78 23.49 -28.67
C LEU A 290 10.38 23.88 -29.15
N ASN A 291 9.69 22.90 -29.74
CA ASN A 291 8.31 23.06 -30.21
C ASN A 291 7.52 21.74 -30.25
N ASP A 292 8.23 20.60 -30.31
CA ASP A 292 7.63 19.27 -30.21
C ASP A 292 7.90 18.81 -28.75
N PHE A 293 6.86 18.65 -27.94
CA PHE A 293 7.03 18.26 -26.54
C PHE A 293 7.01 16.75 -26.27
N HIS A 294 7.84 16.02 -26.98
CA HIS A 294 7.96 14.61 -26.76
C HIS A 294 9.24 14.44 -25.95
N PHE A 295 9.46 13.23 -25.45
CA PHE A 295 10.57 13.02 -24.57
C PHE A 295 11.88 13.32 -25.28
N ASP A 296 12.08 12.70 -26.45
CA ASP A 296 13.36 12.83 -27.19
C ASP A 296 13.66 14.25 -27.64
N LYS A 297 12.63 14.97 -28.05
CA LYS A 297 12.81 16.35 -28.50
C LYS A 297 13.24 17.22 -27.32
N VAL A 298 12.50 17.14 -26.22
CA VAL A 298 12.83 17.89 -24.99
C VAL A 298 14.20 17.49 -24.46
N ALA A 299 14.45 16.19 -24.41
CA ALA A 299 15.75 15.67 -23.99
C ALA A 299 16.89 16.31 -24.81
N LYS A 300 16.74 16.22 -26.15
CA LYS A 300 17.63 16.81 -27.13
C LYS A 300 17.91 18.30 -26.87
N SER A 301 16.87 19.15 -26.86
CA SER A 301 17.02 20.62 -26.62
C SER A 301 17.70 20.98 -25.31
N ALA A 302 17.54 20.08 -24.32
CA ALA A 302 18.03 20.24 -22.96
C ALA A 302 19.52 19.97 -22.83
N ARG A 303 20.01 18.97 -23.56
CA ARG A 303 21.46 18.74 -23.58
C ARG A 303 22.11 19.90 -24.33
N ALA A 304 21.36 20.52 -25.24
CA ALA A 304 21.80 21.69 -26.03
C ALA A 304 21.83 23.01 -25.24
N GLY A 305 21.27 23.01 -24.03
CA GLY A 305 21.27 24.18 -23.14
C GLY A 305 20.06 25.09 -23.26
N ASP A 306 19.06 24.72 -24.10
CA ASP A 306 17.81 25.51 -24.26
C ASP A 306 17.05 25.64 -22.92
N GLU A 307 16.99 26.85 -22.37
CA GLU A 307 16.41 27.07 -21.04
C GLU A 307 15.05 26.39 -20.81
N MET A 308 14.06 26.69 -21.66
CA MET A 308 12.71 26.10 -21.55
C MET A 308 12.75 24.56 -21.45
N ALA A 309 13.61 23.91 -22.23
CA ALA A 309 13.73 22.46 -22.17
C ALA A 309 14.45 22.03 -20.90
N THR A 310 15.31 22.91 -20.40
CA THR A 310 16.09 22.62 -19.21
C THR A 310 15.17 22.68 -17.97
N GLU A 311 14.20 23.60 -18.02
CA GLU A 311 13.21 23.78 -16.99
C GLU A 311 12.29 22.59 -17.00
N LEU A 312 11.76 22.29 -18.16
CA LEU A 312 10.84 21.17 -18.31
C LEU A 312 11.44 19.88 -17.76
N MET A 313 12.59 19.51 -18.26
CA MET A 313 13.25 18.28 -17.82
C MET A 313 13.69 18.32 -16.34
N GLY A 314 13.93 19.51 -15.78
CA GLY A 314 14.33 19.64 -14.37
C GLY A 314 13.17 19.32 -13.42
N LYS A 315 12.05 19.97 -13.69
CA LYS A 315 10.83 19.78 -12.96
C LYS A 315 10.33 18.33 -13.07
N MET A 316 10.29 17.80 -14.29
CA MET A 316 9.85 16.42 -14.47
C MET A 316 10.64 15.49 -13.52
N GLY A 317 11.91 15.79 -13.30
CA GLY A 317 12.74 14.99 -12.41
C GLY A 317 12.29 15.08 -10.98
N GLU A 318 12.21 16.32 -10.46
CA GLU A 318 11.68 16.58 -9.12
C GLU A 318 10.43 15.73 -8.86
N TYR A 319 9.44 15.83 -9.73
CA TYR A 319 8.22 15.10 -9.55
C TYR A 319 8.41 13.62 -9.63
N LEU A 320 9.30 13.16 -10.46
CA LEU A 320 9.55 11.73 -10.49
C LEU A 320 10.19 11.33 -9.12
N GLY A 321 11.01 12.22 -8.58
CA GLY A 321 11.65 12.00 -7.28
C GLY A 321 10.63 11.88 -6.15
N TYR A 322 9.70 12.82 -6.14
CA TYR A 322 8.54 12.72 -5.28
C TYR A 322 7.77 11.39 -5.44
N GLY A 323 7.49 11.03 -6.68
CA GLY A 323 6.70 9.83 -6.88
C GLY A 323 7.43 8.63 -6.36
N ILE A 324 8.73 8.58 -6.54
CA ILE A 324 9.46 7.40 -6.09
C ILE A 324 9.61 7.42 -4.57
N ARG A 325 9.74 8.63 -4.01
CA ARG A 325 9.86 8.75 -2.58
C ARG A 325 8.47 8.36 -1.92
N ASN A 326 7.37 8.79 -2.51
CA ASN A 326 6.07 8.34 -2.04
C ASN A 326 5.99 6.82 -2.05
N ILE A 327 6.50 6.20 -3.11
CA ILE A 327 6.51 4.73 -3.14
C ILE A 327 7.35 4.16 -1.97
N ILE A 328 8.54 4.72 -1.76
CA ILE A 328 9.44 4.28 -0.67
C ILE A 328 8.78 4.40 0.74
N ASN A 329 8.34 5.60 1.09
CA ASN A 329 7.59 5.81 2.27
C ASN A 329 6.28 4.95 2.41
N THR A 330 5.79 4.38 1.33
CA THR A 330 4.53 3.65 1.39
C THR A 330 4.72 2.16 1.51
N PHE A 331 5.44 1.59 0.56
CA PHE A 331 5.70 0.17 0.52
C PHE A 331 6.92 -0.32 1.30
N ASN A 332 7.89 0.55 1.53
CA ASN A 332 9.15 0.17 2.15
C ASN A 332 9.84 -1.02 1.48
N PRO A 333 10.00 -0.99 0.15
CA PRO A 333 10.67 -2.09 -0.56
C PRO A 333 12.22 -2.20 -0.37
N GLU A 334 12.77 -3.40 -0.63
CA GLU A 334 14.22 -3.58 -0.57
C GLU A 334 14.87 -2.74 -1.65
N LYS A 335 14.23 -2.66 -2.82
CA LYS A 335 14.75 -1.86 -3.94
C LYS A 335 13.67 -1.38 -4.87
N VAL A 336 13.96 -0.32 -5.62
CA VAL A 336 13.06 0.19 -6.61
C VAL A 336 13.85 0.25 -7.90
N ILE A 337 13.35 -0.45 -8.92
CA ILE A 337 13.96 -0.55 -10.24
C ILE A 337 13.26 0.40 -11.20
N ILE A 338 13.98 1.28 -11.84
CA ILE A 338 13.39 2.17 -12.77
C ILE A 338 13.60 1.56 -14.14
N VAL A 339 12.57 1.63 -14.97
CA VAL A 339 12.61 1.05 -16.28
C VAL A 339 11.94 1.99 -17.24
N GLY A 340 11.91 1.60 -18.51
CA GLY A 340 11.15 2.34 -19.45
C GLY A 340 12.01 3.15 -20.32
N GLU A 341 11.44 3.54 -21.47
CA GLU A 341 12.10 4.27 -22.55
C GLU A 341 12.66 5.63 -22.12
N GLY A 342 12.21 6.10 -20.95
CA GLY A 342 12.77 7.30 -20.36
C GLY A 342 14.26 7.13 -20.03
N LEU A 343 14.64 5.95 -19.52
CA LEU A 343 16.05 5.71 -19.15
C LEU A 343 17.03 6.04 -20.25
N HIS A 344 16.56 6.06 -21.50
CA HIS A 344 17.43 6.46 -22.61
C HIS A 344 18.07 7.82 -22.30
N HIS A 345 17.32 8.68 -21.60
CA HIS A 345 17.79 10.04 -21.28
C HIS A 345 18.09 10.17 -19.81
N ARG A 346 18.64 9.08 -19.26
CA ARG A 346 18.86 8.96 -17.82
C ARG A 346 19.69 10.08 -17.28
N ASP A 347 20.82 10.37 -17.94
CA ASP A 347 21.73 11.45 -17.53
C ASP A 347 20.99 12.72 -17.08
N LEU A 348 19.82 12.99 -17.66
CA LEU A 348 19.03 14.21 -17.35
C LEU A 348 18.00 14.04 -16.19
N PHE A 349 17.99 12.91 -15.48
CA PHE A 349 17.11 12.75 -14.37
C PHE A 349 17.50 11.77 -13.25
N LEU A 350 18.10 10.61 -13.53
CA LEU A 350 18.37 9.64 -12.46
C LEU A 350 19.00 10.13 -11.18
N THR A 351 19.90 11.09 -11.31
CA THR A 351 20.62 11.57 -10.14
C THR A 351 19.71 12.47 -9.34
N LYS A 352 18.92 13.27 -10.02
CA LYS A 352 17.91 14.10 -9.37
C LYS A 352 16.88 13.20 -8.63
N ILE A 353 16.34 12.25 -9.36
CA ILE A 353 15.50 11.29 -8.79
C ILE A 353 16.13 10.84 -7.52
N ASP A 354 17.44 10.55 -7.55
CA ASP A 354 18.11 10.05 -6.31
C ASP A 354 18.25 11.06 -5.14
N GLU A 355 18.59 12.31 -5.44
CA GLU A 355 18.71 13.36 -4.44
C GLU A 355 17.51 13.36 -3.55
N ILE A 356 16.35 13.35 -4.18
CA ILE A 356 15.07 13.40 -3.52
C ILE A 356 14.65 12.10 -2.90
N ALA A 357 14.55 11.05 -3.71
CA ALA A 357 14.07 9.79 -3.19
C ALA A 357 14.90 9.24 -2.05
N SER A 358 16.19 9.53 -2.09
CA SER A 358 17.11 9.05 -1.05
C SER A 358 16.75 9.70 0.29
N GLN A 359 16.24 10.95 0.18
CA GLN A 359 15.77 11.78 1.29
C GLN A 359 14.35 11.31 1.70
N ASN A 360 14.22 10.03 1.97
CA ASN A 360 12.95 9.50 2.37
C ASN A 360 12.85 9.34 3.89
N PHE A 361 11.69 8.87 4.32
CA PHE A 361 11.40 8.71 5.74
C PHE A 361 12.36 7.71 6.47
N PHE A 362 12.52 6.51 5.95
CA PHE A 362 13.36 5.49 6.55
C PHE A 362 14.89 5.68 6.51
N SER A 363 15.41 6.59 5.69
CA SER A 363 16.84 6.75 5.52
C SER A 363 17.50 7.32 6.78
N GLY A 364 16.72 8.08 7.53
CA GLY A 364 17.17 8.62 8.82
C GLY A 364 17.71 7.55 9.78
N ALA A 365 17.35 6.28 9.55
CA ALA A 365 17.81 5.15 10.36
C ALA A 365 18.83 4.30 9.62
N GLY A 366 19.80 4.96 8.98
CA GLY A 366 20.93 4.30 8.28
C GLY A 366 20.63 3.32 7.15
N PHE A 367 19.51 2.61 7.27
CA PHE A 367 19.08 1.58 6.30
C PHE A 367 18.62 2.25 5.03
N GLU A 368 19.34 1.99 3.94
CA GLU A 368 19.06 2.61 2.64
C GLU A 368 18.16 1.72 1.85
N THR A 369 17.64 2.27 0.76
CA THR A 369 16.77 1.59 -0.15
C THR A 369 17.39 1.74 -1.52
N GLU A 370 17.96 0.67 -2.05
CA GLU A 370 18.61 0.75 -3.36
C GLU A 370 17.59 1.23 -4.41
N ILE A 371 18.00 2.19 -5.24
CA ILE A 371 17.22 2.66 -6.37
C ILE A 371 18.16 2.46 -7.56
N THR A 372 17.78 1.55 -8.44
CA THR A 372 18.63 1.17 -9.55
C THR A 372 17.93 1.40 -10.86
N THR A 373 18.43 0.76 -11.89
CA THR A 373 17.83 0.82 -13.21
C THR A 373 17.82 -0.62 -13.78
N THR A 374 16.92 -0.85 -14.73
CA THR A 374 16.73 -2.17 -15.32
C THR A 374 17.92 -2.71 -16.12
N SER A 375 18.22 -3.99 -15.94
CA SER A 375 19.31 -4.63 -16.67
C SER A 375 18.88 -5.13 -18.08
N LEU A 376 17.58 -5.31 -18.29
CA LEU A 376 17.01 -5.77 -19.56
C LEU A 376 16.94 -4.62 -20.58
N GLU A 377 16.55 -4.94 -21.80
CA GLU A 377 16.51 -3.98 -22.92
C GLU A 377 15.06 -3.69 -23.26
N ASP A 378 14.82 -2.74 -24.17
CA ASP A 378 13.44 -2.40 -24.57
C ASP A 378 12.58 -3.60 -25.01
N PRO A 379 13.19 -4.59 -25.68
CA PRO A 379 12.37 -5.75 -26.07
C PRO A 379 11.91 -6.65 -24.91
N ALA A 380 12.23 -6.29 -23.68
CA ALA A 380 11.83 -7.12 -22.53
C ALA A 380 10.37 -6.94 -22.12
N TRP A 381 9.68 -5.94 -22.68
CA TRP A 381 8.22 -5.80 -22.49
C TRP A 381 7.50 -7.00 -23.20
N LEU A 382 8.01 -7.35 -24.39
CA LEU A 382 7.49 -8.49 -25.16
C LEU A 382 7.86 -9.84 -24.55
N GLN A 383 9.07 -9.95 -24.03
CA GLN A 383 9.46 -11.18 -23.34
C GLN A 383 8.58 -11.34 -22.11
N GLY A 384 8.05 -10.23 -21.62
CA GLY A 384 7.19 -10.25 -20.44
C GLY A 384 5.84 -10.83 -20.78
N ALA A 385 5.18 -10.20 -21.74
CA ALA A 385 3.88 -10.67 -22.23
C ALA A 385 3.93 -12.14 -22.67
N ALA A 386 5.08 -12.53 -23.23
CA ALA A 386 5.33 -13.92 -23.56
C ALA A 386 5.31 -14.72 -22.26
N LEU A 387 6.09 -14.27 -21.27
CA LEU A 387 6.16 -14.95 -19.97
C LEU A 387 4.79 -15.04 -19.32
N LEU A 388 3.96 -14.04 -19.62
CA LEU A 388 2.63 -14.04 -19.09
C LEU A 388 1.92 -15.40 -19.33
N VAL A 389 1.98 -15.90 -20.56
CA VAL A 389 1.35 -17.19 -20.87
C VAL A 389 2.12 -18.37 -20.29
N ILE A 390 3.44 -18.34 -20.48
CA ILE A 390 4.34 -19.39 -19.99
C ILE A 390 4.15 -19.73 -18.48
N HIS A 391 4.13 -18.74 -17.60
CA HIS A 391 3.96 -19.00 -16.17
C HIS A 391 2.65 -19.67 -15.82
N GLN A 392 1.56 -19.15 -16.37
CA GLN A 392 0.23 -19.69 -16.14
C GLN A 392 0.18 -21.15 -16.61
N LEU A 393 0.76 -21.42 -17.76
CA LEU A 393 0.81 -22.78 -18.29
C LEU A 393 1.46 -23.71 -17.24
N PHE A 394 2.74 -23.50 -16.93
CA PHE A 394 3.42 -24.28 -15.88
C PHE A 394 2.95 -23.84 -14.49
N ASP B 17 2.35 -32.36 12.71
CA ASP B 17 2.77 -30.94 12.96
C ASP B 17 1.60 -29.99 12.67
N ILE B 18 1.37 -29.73 11.38
CA ILE B 18 0.39 -28.77 10.85
C ILE B 18 -1.08 -29.03 11.21
N ASN B 19 -1.44 -30.30 11.37
CA ASN B 19 -2.83 -30.65 11.63
C ASN B 19 -3.42 -29.93 12.85
N ARG B 20 -2.78 -30.01 14.03
CA ARG B 20 -3.29 -29.30 15.21
C ARG B 20 -3.76 -27.92 14.81
N TYR B 21 -2.89 -27.18 14.14
CA TYR B 21 -3.19 -25.81 13.70
C TYR B 21 -4.49 -25.74 12.94
N THR B 22 -4.61 -26.58 11.91
CA THR B 22 -5.78 -26.48 11.06
C THR B 22 -7.07 -26.75 11.84
N VAL B 23 -7.04 -27.78 12.70
CA VAL B 23 -8.17 -28.13 13.61
C VAL B 23 -8.45 -26.98 14.61
N LEU B 24 -7.40 -26.56 15.30
CA LEU B 24 -7.50 -25.49 16.31
C LEU B 24 -8.08 -24.16 15.80
N ASN B 25 -7.59 -23.67 14.65
CA ASN B 25 -8.11 -22.44 14.01
C ASN B 25 -9.57 -22.60 13.66
N LEU B 26 -9.87 -23.73 13.04
CA LEU B 26 -11.22 -24.02 12.64
C LEU B 26 -12.14 -23.95 13.89
N ILE B 27 -11.59 -24.28 15.06
CA ILE B 27 -12.34 -24.21 16.33
C ILE B 27 -12.59 -22.75 16.86
N ARG B 28 -11.57 -21.89 16.82
CA ARG B 28 -11.79 -20.45 17.16
C ARG B 28 -12.73 -19.77 16.14
N GLU B 29 -12.40 -19.86 14.85
CA GLU B 29 -13.18 -19.27 13.75
C GLU B 29 -14.70 -19.40 13.93
N LYS B 30 -15.12 -20.48 14.58
CA LYS B 30 -16.53 -20.76 14.83
C LYS B 30 -16.88 -20.48 16.29
N GLY B 31 -15.91 -20.64 17.18
CA GLY B 31 -16.15 -20.41 18.61
C GLY B 31 -16.59 -21.71 19.25
N GLU B 32 -17.67 -22.28 18.72
CA GLU B 32 -18.18 -23.59 19.12
C GLU B 32 -18.43 -24.44 17.89
N ILE B 33 -18.08 -25.73 17.99
CA ILE B 33 -18.22 -26.66 16.84
C ILE B 33 -18.17 -28.13 17.30
N THR B 34 -18.75 -29.06 16.52
CA THR B 34 -18.71 -30.51 16.82
C THR B 34 -17.67 -31.28 16.00
N ARG B 35 -17.45 -32.54 16.40
CA ARG B 35 -16.40 -33.35 15.82
C ARG B 35 -16.60 -33.54 14.34
N THR B 36 -17.79 -33.99 13.93
CA THR B 36 -18.10 -34.23 12.49
C THR B 36 -18.25 -32.93 11.70
N GLU B 37 -18.60 -31.85 12.39
CA GLU B 37 -18.64 -30.51 11.77
C GLU B 37 -17.20 -30.14 11.36
N ILE B 38 -16.24 -30.44 12.24
CA ILE B 38 -14.80 -30.21 12.01
C ILE B 38 -14.30 -31.09 10.86
N ALA B 39 -14.51 -32.41 11.00
CA ALA B 39 -14.06 -33.42 10.02
C ALA B 39 -14.30 -33.06 8.57
N LYS B 40 -15.50 -32.58 8.27
CA LYS B 40 -15.87 -32.22 6.90
C LYS B 40 -14.79 -31.37 6.26
N LYS B 41 -14.46 -30.26 6.91
CA LYS B 41 -13.56 -29.25 6.37
C LYS B 41 -12.12 -29.49 6.82
N CYS B 42 -11.73 -30.74 6.69
CA CYS B 42 -10.47 -31.22 7.22
C CYS B 42 -9.99 -32.34 6.29
N ASP B 43 -8.82 -32.18 5.68
CA ASP B 43 -8.32 -33.15 4.69
C ASP B 43 -7.61 -34.39 5.27
N PHE B 44 -8.27 -35.06 6.21
CA PHE B 44 -7.70 -36.26 6.84
C PHE B 44 -8.75 -37.02 7.63
N GLY B 45 -8.37 -38.16 8.18
CA GLY B 45 -9.33 -39.04 8.84
C GLY B 45 -9.76 -38.77 10.27
N MET B 46 -10.90 -39.37 10.64
CA MET B 46 -11.45 -39.35 12.01
C MET B 46 -10.47 -39.94 13.05
N SER B 47 -9.73 -40.99 12.67
CA SER B 47 -8.74 -41.60 13.57
C SER B 47 -7.65 -40.60 13.95
N THR B 48 -7.25 -39.76 12.99
CA THR B 48 -6.26 -38.70 13.22
C THR B 48 -6.88 -37.55 14.02
N LEU B 49 -8.14 -37.24 13.71
CA LEU B 49 -8.87 -36.16 14.35
C LEU B 49 -9.11 -36.46 15.83
N THR B 50 -9.34 -37.72 16.16
CA THR B 50 -9.55 -38.11 17.55
C THR B 50 -8.28 -37.89 18.38
N TYR B 51 -7.14 -38.28 17.81
CA TYR B 51 -5.82 -38.06 18.44
C TYR B 51 -5.64 -36.59 18.85
N ILE B 52 -5.92 -35.71 17.90
CA ILE B 52 -5.71 -34.30 18.05
C ILE B 52 -6.65 -33.70 19.08
N LEU B 53 -7.96 -33.97 18.95
CA LEU B 53 -8.95 -33.40 19.92
C LEU B 53 -8.74 -33.93 21.33
N ASP B 54 -8.45 -35.23 21.46
CA ASP B 54 -8.16 -35.80 22.78
C ASP B 54 -6.93 -35.17 23.40
N ASP B 55 -5.90 -34.89 22.58
CA ASP B 55 -4.67 -34.27 23.10
C ASP B 55 -4.86 -32.78 23.42
N LEU B 56 -5.52 -32.02 22.55
CA LEU B 56 -5.80 -30.60 22.81
C LEU B 56 -6.72 -30.44 24.02
N GLN B 57 -7.59 -31.42 24.25
CA GLN B 57 -8.48 -31.41 25.44
C GLN B 57 -7.65 -31.49 26.76
N GLN B 58 -6.82 -32.51 26.88
CA GLN B 58 -5.96 -32.69 28.02
C GLN B 58 -4.96 -31.51 28.20
N GLU B 59 -4.63 -30.83 27.09
CA GLU B 59 -3.76 -29.64 27.10
C GLU B 59 -4.47 -28.53 27.85
N GLY B 60 -5.81 -28.56 27.76
CA GLY B 60 -6.70 -27.59 28.36
C GLY B 60 -6.97 -26.48 27.36
N ILE B 61 -6.48 -26.65 26.14
CA ILE B 61 -6.61 -25.65 25.10
C ILE B 61 -8.03 -25.66 24.51
N ILE B 62 -8.67 -26.83 24.45
CA ILE B 62 -10.12 -26.85 24.10
C ILE B 62 -11.00 -27.40 25.26
N LEU B 63 -12.32 -27.36 25.04
CA LEU B 63 -13.34 -27.80 26.02
C LEU B 63 -14.52 -28.49 25.28
N GLU B 64 -15.15 -29.45 25.96
CA GLU B 64 -16.33 -30.15 25.44
C GLU B 64 -17.48 -29.63 26.29
N GLY B 65 -18.72 -29.77 25.81
CA GLY B 65 -19.91 -29.36 26.60
C GLY B 65 -20.15 -30.26 27.80
N LYS B 77 -20.50 -33.81 22.97
CA LYS B 77 -20.99 -33.44 21.61
C LYS B 77 -20.28 -32.21 20.95
N LEU B 78 -20.41 -31.03 21.58
CA LEU B 78 -19.81 -29.78 21.07
C LEU B 78 -18.50 -29.43 21.74
N VAL B 79 -17.56 -29.01 20.90
CA VAL B 79 -16.20 -28.66 21.31
C VAL B 79 -15.99 -27.17 21.10
N ARG B 80 -15.40 -26.52 22.09
CA ARG B 80 -15.11 -25.08 22.03
C ARG B 80 -13.69 -24.74 22.50
N PHE B 81 -13.23 -23.57 22.09
CA PHE B 81 -11.93 -23.03 22.47
C PHE B 81 -11.92 -22.54 23.94
N ASN B 82 -10.81 -22.75 24.64
CA ASN B 82 -10.74 -22.28 26.00
C ASN B 82 -10.13 -20.89 26.01
N LYS B 83 -11.01 -19.90 26.03
CA LYS B 83 -10.58 -18.52 26.18
C LYS B 83 -9.67 -18.38 27.42
N ASP B 84 -9.90 -19.18 28.47
CA ASP B 84 -9.13 -19.06 29.73
C ASP B 84 -7.96 -20.07 29.91
N TYR B 85 -7.62 -20.82 28.86
CA TYR B 85 -6.40 -21.67 28.91
C TYR B 85 -5.21 -20.79 29.28
N GLY B 86 -5.28 -19.54 28.85
CA GLY B 86 -4.22 -18.59 29.08
C GLY B 86 -4.81 -17.21 29.21
N PHE B 87 -3.94 -16.25 29.47
CA PHE B 87 -4.38 -14.87 29.49
C PHE B 87 -3.21 -14.05 28.89
N VAL B 88 -3.48 -12.80 28.56
CA VAL B 88 -2.49 -12.01 27.84
C VAL B 88 -2.51 -10.65 28.45
N VAL B 89 -1.36 -10.00 28.42
CA VAL B 89 -1.28 -8.59 28.82
C VAL B 89 -0.75 -7.81 27.63
N SER B 90 -1.30 -6.61 27.45
CA SER B 90 -0.90 -5.70 26.42
C SER B 90 -0.53 -4.37 27.08
N VAL B 91 0.20 -3.53 26.37
CA VAL B 91 0.74 -2.26 26.91
C VAL B 91 0.72 -1.19 25.84
N LYS B 92 0.25 0.02 26.14
CA LYS B 92 0.33 1.06 25.17
C LYS B 92 1.20 2.17 25.77
N VAL B 93 2.26 2.48 25.02
CA VAL B 93 3.25 3.44 25.48
C VAL B 93 2.92 4.76 24.81
N GLU B 94 2.65 5.75 25.66
CA GLU B 94 2.22 7.09 25.24
C GLU B 94 3.09 8.25 25.83
N GLU B 95 2.70 9.49 25.54
CA GLU B 95 3.44 10.70 25.87
C GLU B 95 3.57 10.97 27.38
N GLU B 96 2.38 10.95 28.00
CA GLU B 96 2.14 11.28 29.38
C GLU B 96 1.57 10.10 30.15
N GLN B 97 1.57 8.90 29.56
CA GLN B 97 1.00 7.74 30.25
C GLN B 97 1.37 6.38 29.68
N LEU B 98 1.12 5.35 30.48
CA LEU B 98 1.31 3.97 30.09
C LEU B 98 0.03 3.23 30.38
N LEU B 99 -0.63 2.79 29.33
CA LEU B 99 -1.83 1.98 29.52
C LEU B 99 -1.37 0.54 29.77
N PHE B 100 -2.29 -0.27 30.25
CA PHE B 100 -2.01 -1.69 30.52
C PHE B 100 -3.36 -2.42 30.44
N ALA B 101 -3.33 -3.66 29.92
CA ALA B 101 -4.55 -4.48 29.84
C ALA B 101 -4.22 -5.95 30.03
N LEU B 102 -5.20 -6.69 30.54
CA LEU B 102 -5.17 -8.15 30.73
C LEU B 102 -6.39 -8.79 30.04
N THR B 103 -6.18 -9.37 28.87
CA THR B 103 -7.27 -10.00 28.14
C THR B 103 -7.25 -11.50 28.37
N ASP B 104 -8.35 -12.13 27.90
CA ASP B 104 -8.53 -13.58 27.84
C ASP B 104 -7.91 -13.92 26.51
N LEU B 105 -8.10 -15.13 26.03
CA LEU B 105 -7.50 -15.51 24.74
C LEU B 105 -8.36 -15.22 23.50
N ASN B 106 -9.49 -14.54 23.73
CA ASN B 106 -10.38 -14.03 22.68
C ASN B 106 -10.14 -12.50 22.60
N ALA B 107 -9.17 -12.00 23.37
CA ALA B 107 -8.87 -10.59 23.44
C ALA B 107 -9.97 -9.71 24.10
N GLU B 108 -10.72 -10.29 25.05
CA GLU B 108 -11.70 -9.56 25.88
C GLU B 108 -10.87 -9.02 27.03
N ILE B 109 -11.21 -7.84 27.53
CA ILE B 109 -10.41 -7.20 28.58
C ILE B 109 -10.96 -7.42 29.99
N ILE B 110 -10.32 -8.28 30.76
CA ILE B 110 -10.80 -8.57 32.11
C ILE B 110 -10.36 -7.55 33.18
N GLU B 111 -9.30 -6.79 32.88
CA GLU B 111 -8.74 -5.81 33.82
C GLU B 111 -7.92 -4.75 33.07
N ASN B 112 -8.24 -3.48 33.22
CA ASN B 112 -7.37 -2.44 32.68
C ASN B 112 -7.07 -1.33 33.67
N THR B 113 -5.83 -0.86 33.64
CA THR B 113 -5.36 0.25 34.46
C THR B 113 -4.54 1.20 33.57
N SER B 114 -4.00 2.25 34.18
CA SER B 114 -3.17 3.22 33.47
C SER B 114 -2.31 3.88 34.51
N ILE B 115 -1.10 4.30 34.13
CA ILE B 115 -0.22 4.93 35.09
C ILE B 115 0.41 6.09 34.34
N PRO B 116 0.79 7.18 35.05
CA PRO B 116 1.42 8.29 34.31
C PRO B 116 2.91 8.06 34.01
N PHE B 117 3.37 8.74 32.96
CA PHE B 117 4.73 8.59 32.47
C PHE B 117 5.09 9.73 31.52
N SER B 118 6.10 10.54 31.86
CA SER B 118 6.51 11.69 31.04
C SER B 118 7.63 11.35 30.04
N SER B 119 8.81 10.99 30.54
CA SER B 119 9.95 10.53 29.69
C SER B 119 11.15 9.97 30.52
N GLU B 124 14.69 4.50 29.29
CA GLU B 124 15.13 3.21 29.79
C GLU B 124 14.46 2.76 31.10
N GLU B 125 13.90 3.72 31.86
CA GLU B 125 13.17 3.36 33.08
C GLU B 125 11.72 3.00 32.75
N ALA B 126 11.29 3.26 31.51
CA ALA B 126 9.94 2.90 31.08
C ALA B 126 9.73 1.40 31.19
N ILE B 127 10.76 0.61 30.91
CA ILE B 127 10.69 -0.85 31.04
C ILE B 127 10.57 -1.27 32.51
N GLU B 128 11.36 -0.63 33.38
CA GLU B 128 11.28 -0.91 34.82
C GLU B 128 9.81 -0.79 35.19
N LEU B 129 9.21 0.37 34.88
CA LEU B 129 7.80 0.64 35.15
C LEU B 129 6.81 -0.41 34.62
N ILE B 130 6.98 -0.78 33.35
CA ILE B 130 6.10 -1.75 32.68
C ILE B 130 6.14 -3.05 33.47
N ALA B 131 7.28 -3.73 33.38
CA ALA B 131 7.50 -4.97 34.17
C ALA B 131 6.92 -4.93 35.60
N LYS B 132 7.16 -3.83 36.32
CA LYS B 132 6.60 -3.68 37.67
C LYS B 132 5.07 -3.77 37.60
N ASN B 133 4.47 -2.98 36.70
CA ASN B 133 3.00 -2.93 36.53
C ASN B 133 2.39 -4.19 35.93
N VAL B 134 3.13 -4.86 35.07
CA VAL B 134 2.68 -6.10 34.48
C VAL B 134 2.27 -7.07 35.61
N LYS B 135 3.23 -7.38 36.47
CA LYS B 135 2.99 -8.31 37.58
C LYS B 135 1.89 -7.84 38.58
N LYS B 136 1.49 -6.57 38.55
CA LYS B 136 0.39 -6.10 39.43
C LYS B 136 -0.98 -6.50 38.86
N MET B 137 -1.15 -6.29 37.54
CA MET B 137 -2.37 -6.65 36.77
C MET B 137 -2.91 -8.03 37.10
N CYS B 138 -2.03 -8.99 36.89
CA CYS B 138 -2.29 -10.41 37.12
C CYS B 138 -2.79 -10.71 38.54
N GLY B 139 -2.42 -9.90 39.54
CA GLY B 139 -2.77 -10.18 40.91
C GLY B 139 -2.07 -11.49 41.27
N ASN B 140 -2.82 -12.45 41.79
CA ASN B 140 -2.23 -13.73 42.15
C ASN B 140 -2.34 -14.81 41.05
N ARG B 141 -2.73 -14.43 39.82
CA ARG B 141 -2.85 -15.39 38.72
C ARG B 141 -1.60 -16.22 38.54
N ASP B 142 -1.77 -17.46 38.07
CA ASP B 142 -0.66 -18.36 37.76
C ASP B 142 0.15 -17.77 36.57
N MET B 143 1.46 -17.70 36.78
CA MET B 143 2.35 -17.11 35.80
C MET B 143 2.76 -18.05 34.66
N ASN B 144 2.33 -19.31 34.68
CA ASN B 144 2.59 -20.25 33.58
C ASN B 144 1.50 -20.03 32.55
N HIS B 145 0.48 -19.28 32.94
CA HIS B 145 -0.71 -19.04 32.12
C HIS B 145 -0.64 -17.69 31.40
N LEU B 146 0.26 -16.84 31.84
CA LEU B 146 0.51 -15.61 31.11
C LEU B 146 1.24 -16.06 29.84
N LEU B 147 0.57 -15.97 28.70
CA LEU B 147 1.15 -16.45 27.43
C LEU B 147 2.04 -15.46 26.69
N GLY B 148 1.86 -14.18 26.94
CA GLY B 148 2.70 -13.20 26.33
C GLY B 148 2.31 -11.76 26.62
N VAL B 149 3.08 -10.85 26.03
CA VAL B 149 2.91 -9.44 26.22
C VAL B 149 3.06 -8.74 24.89
N GLY B 150 2.08 -7.89 24.58
CA GLY B 150 2.07 -7.15 23.34
C GLY B 150 2.26 -5.67 23.63
N ILE B 151 3.11 -4.99 22.87
CA ILE B 151 3.35 -3.57 23.11
C ILE B 151 2.99 -2.71 21.88
N ALA B 152 2.02 -1.81 22.03
CA ALA B 152 1.62 -0.88 20.98
C ALA B 152 2.39 0.39 21.22
N ILE B 153 3.09 0.85 20.19
CA ILE B 153 3.85 2.07 20.34
C ILE B 153 3.80 2.80 19.02
N SER B 154 4.02 4.11 19.09
CA SER B 154 4.03 4.98 17.93
C SER B 154 5.45 5.14 17.32
N GLY B 155 5.48 5.35 16.02
CA GLY B 155 6.73 5.54 15.31
C GLY B 155 7.06 4.43 14.34
N LEU B 156 8.36 4.17 14.25
CA LEU B 156 8.93 3.21 13.34
C LEU B 156 9.46 2.00 14.14
N VAL B 157 8.79 0.85 14.02
CA VAL B 157 9.10 -0.38 14.75
C VAL B 157 9.48 -1.55 13.88
N ASN B 158 10.37 -2.41 14.36
CA ASN B 158 10.69 -3.65 13.64
C ASN B 158 10.25 -4.89 14.44
N ARG B 159 8.94 -5.10 14.47
CA ARG B 159 8.31 -6.18 15.23
C ARG B 159 9.11 -7.48 15.23
N LYS B 160 9.83 -7.73 14.13
CA LYS B 160 10.60 -8.94 14.01
C LYS B 160 11.71 -8.88 15.03
N LYS B 161 12.39 -7.75 15.10
CA LYS B 161 13.50 -7.64 16.04
C LYS B 161 13.13 -7.17 17.47
N GLY B 162 11.89 -6.75 17.67
CA GLY B 162 11.43 -6.28 18.98
C GLY B 162 12.00 -4.94 19.42
N THR B 163 12.48 -4.16 18.45
CA THR B 163 13.10 -2.87 18.72
C THR B 163 12.31 -1.69 18.14
N VAL B 164 12.31 -0.58 18.86
CA VAL B 164 11.69 0.60 18.37
C VAL B 164 12.84 1.35 17.74
N ILE B 165 12.81 1.47 16.41
CA ILE B 165 13.86 2.17 15.67
C ILE B 165 13.82 3.68 15.85
N ARG B 166 12.63 4.25 16.00
CA ARG B 166 12.52 5.71 16.10
C ARG B 166 11.14 6.12 16.64
N SER B 167 11.11 7.01 17.62
CA SER B 167 9.84 7.51 18.18
C SER B 167 9.98 9.02 18.45
N THR B 168 9.91 9.80 17.36
CA THR B 168 9.99 11.26 17.46
C THR B 168 9.42 11.64 18.83
N MET B 169 8.10 11.49 18.92
CA MET B 169 7.31 11.81 20.11
C MET B 169 8.01 11.59 21.49
N LEU B 170 8.49 10.37 21.74
CA LEU B 170 9.14 10.03 23.01
C LEU B 170 10.61 10.48 23.15
N GLY B 171 11.31 10.58 22.01
CA GLY B 171 12.72 10.92 22.02
C GLY B 171 13.54 9.65 22.15
N TRP B 172 13.13 8.62 21.41
CA TRP B 172 13.77 7.31 21.44
C TRP B 172 14.38 6.96 20.07
N GLU B 173 15.37 6.08 20.10
CA GLU B 173 16.11 5.64 18.93
C GLU B 173 16.61 4.21 19.23
N ASN B 174 16.58 3.32 18.23
CA ASN B 174 16.96 1.88 18.40
C ASN B 174 16.95 1.29 19.85
N VAL B 175 15.80 1.42 20.52
CA VAL B 175 15.58 0.87 21.84
C VAL B 175 15.23 -0.58 21.65
N ALA B 176 15.78 -1.47 22.48
CA ALA B 176 15.45 -2.90 22.35
C ALA B 176 14.32 -3.31 23.30
N LEU B 177 13.17 -2.68 23.14
CA LEU B 177 12.01 -2.96 23.99
C LEU B 177 11.80 -4.48 24.30
N GLU B 178 11.95 -5.36 23.31
CA GLU B 178 11.68 -6.77 23.53
C GLU B 178 12.75 -7.34 24.42
N ALA B 179 13.99 -7.32 23.94
CA ALA B 179 15.15 -7.79 24.74
C ALA B 179 15.12 -7.17 26.15
N MET B 180 15.26 -5.85 26.29
CA MET B 180 15.20 -5.22 27.60
C MET B 180 14.10 -5.84 28.47
N LEU B 181 12.85 -5.73 28.06
CA LEU B 181 11.72 -6.26 28.84
C LEU B 181 11.77 -7.78 29.07
N HIS B 182 12.45 -8.49 28.17
CA HIS B 182 12.54 -9.96 28.24
C HIS B 182 13.30 -10.37 29.51
N ALA B 183 14.10 -9.43 30.01
CA ALA B 183 14.82 -9.59 31.27
C ALA B 183 13.88 -10.13 32.35
N HIS B 184 12.68 -9.56 32.41
CA HIS B 184 11.70 -9.92 33.44
C HIS B 184 10.78 -11.09 33.06
N PHE B 185 10.71 -11.40 31.77
CA PHE B 185 9.82 -12.47 31.32
C PHE B 185 10.49 -13.24 30.18
N PRO B 186 11.61 -13.93 30.49
CA PRO B 186 12.41 -14.62 29.47
C PRO B 186 11.71 -15.84 28.87
N ASP B 187 10.97 -16.58 29.70
CA ASP B 187 10.20 -17.72 29.20
C ASP B 187 9.04 -17.28 28.31
N ILE B 188 8.56 -16.04 28.47
CA ILE B 188 7.42 -15.56 27.64
C ILE B 188 7.65 -14.43 26.62
N PRO B 189 7.11 -14.65 25.43
CA PRO B 189 7.17 -13.75 24.31
C PRO B 189 6.71 -12.31 24.54
N VAL B 190 7.49 -11.36 24.01
CA VAL B 190 7.11 -9.97 23.95
C VAL B 190 7.08 -9.62 22.47
N TYR B 191 6.01 -8.93 22.04
CA TYR B 191 5.89 -8.51 20.66
C TYR B 191 5.52 -7.03 20.65
N VAL B 192 6.28 -6.25 19.90
CA VAL B 192 6.12 -4.81 19.77
C VAL B 192 5.68 -4.51 18.34
N ASP B 193 4.78 -3.55 18.17
CA ASP B 193 4.38 -3.15 16.83
C ASP B 193 3.85 -1.73 16.83
N LYS B 194 3.79 -1.20 15.63
CA LYS B 194 3.35 0.16 15.45
C LYS B 194 1.84 0.24 15.84
N ASN B 195 1.45 1.30 16.52
CA ASN B 195 0.03 1.47 16.89
C ASN B 195 -0.99 1.05 15.85
N ILE B 196 -0.88 1.65 14.67
CA ILE B 196 -1.86 1.40 13.66
C ILE B 196 -1.92 -0.04 13.32
N ASN B 197 -0.84 -0.79 13.42
CA ASN B 197 -0.99 -2.26 13.17
C ASN B 197 -1.73 -2.98 14.28
N CYS B 198 -1.31 -2.72 15.54
CA CYS B 198 -1.91 -3.29 16.71
C CYS B 198 -3.41 -3.04 16.59
N TYR B 199 -3.80 -1.81 16.29
CA TYR B 199 -5.22 -1.56 16.04
C TYR B 199 -5.74 -2.26 14.76
N THR B 200 -4.91 -2.55 13.79
CA THR B 200 -5.44 -3.23 12.59
C THR B 200 -5.82 -4.67 12.94
N LEU B 201 -4.99 -5.38 13.71
CA LEU B 201 -5.32 -6.75 14.10
C LEU B 201 -6.69 -6.76 14.86
N ALA B 202 -6.94 -5.70 15.62
CA ALA B 202 -8.18 -5.53 16.28
C ALA B 202 -9.30 -5.59 15.29
N GLU B 203 -9.10 -4.93 14.17
CA GLU B 203 -10.13 -4.89 13.14
C GLU B 203 -10.30 -6.29 12.57
N LEU B 204 -9.18 -6.99 12.36
CA LEU B 204 -9.19 -8.34 11.80
C LEU B 204 -9.94 -9.40 12.60
N TRP B 205 -9.73 -9.39 13.92
CA TRP B 205 -10.29 -10.42 14.76
C TRP B 205 -11.54 -10.00 15.45
N LEU B 206 -11.92 -8.72 15.41
CA LEU B 206 -13.12 -8.28 16.12
C LEU B 206 -14.03 -7.39 15.32
N GLY B 207 -13.48 -6.56 14.45
CA GLY B 207 -14.30 -5.58 13.73
C GLY B 207 -14.56 -5.89 12.26
N GLU B 208 -14.55 -4.82 11.45
CA GLU B 208 -14.81 -4.85 9.99
C GLU B 208 -13.83 -5.71 9.22
N GLY B 209 -12.68 -5.97 9.84
CA GLY B 209 -11.70 -6.85 9.26
C GLY B 209 -12.08 -8.33 9.23
N LYS B 210 -13.19 -8.72 9.86
CA LYS B 210 -13.57 -10.13 9.84
C LYS B 210 -14.31 -10.51 8.57
N GLN B 211 -15.08 -9.57 7.99
CA GLN B 211 -15.79 -9.81 6.74
C GLN B 211 -14.78 -9.83 5.61
N SER B 212 -14.06 -8.73 5.46
CA SER B 212 -13.05 -8.59 4.40
C SER B 212 -11.81 -9.44 4.64
N ASN B 213 -10.93 -9.44 3.65
CA ASN B 213 -9.67 -10.11 3.76
C ASN B 213 -8.57 -9.18 3.20
N ASN B 214 -8.97 -8.19 2.39
CA ASN B 214 -8.02 -7.22 1.82
C ASN B 214 -8.52 -5.77 1.96
N PHE B 215 -8.50 -5.24 3.17
CA PHE B 215 -8.91 -3.88 3.42
C PHE B 215 -7.70 -3.03 3.78
N ALA B 216 -7.95 -1.74 4.07
CA ALA B 216 -6.94 -0.76 4.49
C ALA B 216 -7.50 0.05 5.66
N THR B 217 -6.64 0.31 6.64
CA THR B 217 -7.01 1.06 7.82
C THR B 217 -6.19 2.36 7.88
N VAL B 218 -6.86 3.49 7.97
CA VAL B 218 -6.22 4.79 8.16
C VAL B 218 -6.41 5.38 9.59
N SER B 219 -5.35 5.88 10.21
CA SER B 219 -5.57 6.57 11.47
C SER B 219 -5.38 8.06 11.23
N VAL B 220 -5.97 8.89 12.08
CA VAL B 220 -5.78 10.29 11.99
C VAL B 220 -5.89 10.84 13.41
N GLY B 221 -5.04 11.81 13.69
CA GLY B 221 -5.12 12.50 14.89
C GLY B 221 -3.77 13.09 15.14
N ALA B 222 -3.07 12.37 16.01
CA ALA B 222 -1.71 12.68 16.41
C ALA B 222 -1.00 12.99 15.10
N GLY B 223 -1.05 12.04 14.17
CA GLY B 223 -0.58 12.21 12.77
C GLY B 223 -1.36 11.21 11.90
N LEU B 224 -0.79 10.72 10.83
CA LEU B 224 -1.56 9.88 9.94
C LEU B 224 -0.89 8.54 9.94
N GLY B 225 -1.66 7.47 10.07
CA GLY B 225 -1.14 6.13 10.12
C GLY B 225 -1.90 5.24 9.15
N LEU B 226 -1.28 4.19 8.68
CA LEU B 226 -1.88 3.40 7.66
C LEU B 226 -1.43 1.98 7.80
N SER B 227 -2.37 1.05 7.78
CA SER B 227 -2.04 -0.33 7.77
C SER B 227 -2.93 -0.96 6.74
N VAL B 228 -2.34 -1.52 5.69
CA VAL B 228 -3.02 -2.30 4.66
C VAL B 228 -2.96 -3.80 5.02
N VAL B 229 -4.09 -4.48 4.94
CA VAL B 229 -4.15 -5.91 5.20
C VAL B 229 -4.32 -6.62 3.84
N ILE B 230 -3.48 -7.64 3.60
CA ILE B 230 -3.45 -8.48 2.37
C ILE B 230 -3.54 -10.01 2.73
N ASN B 231 -4.65 -10.64 2.36
CA ASN B 231 -4.96 -12.03 2.70
C ASN B 231 -5.04 -12.24 4.19
N ARG B 232 -5.75 -11.34 4.83
CA ARG B 232 -5.87 -11.31 6.29
C ARG B 232 -4.46 -11.24 6.93
N GLN B 233 -3.54 -10.51 6.30
CA GLN B 233 -2.22 -10.30 6.88
C GLN B 233 -1.67 -8.86 6.63
N ILE B 234 -1.21 -8.22 7.70
CA ILE B 234 -0.67 -6.87 7.60
C ILE B 234 0.57 -6.82 6.70
N TYR B 235 0.58 -5.91 5.72
CA TYR B 235 1.77 -5.75 4.84
C TYR B 235 2.90 -4.95 5.56
N TYR B 236 4.00 -5.61 5.92
CA TYR B 236 5.09 -4.95 6.65
C TYR B 236 6.17 -4.55 5.72
N GLY B 237 6.17 -5.14 4.53
CA GLY B 237 7.21 -4.84 3.55
C GLY B 237 8.57 -5.43 3.92
N ALA B 238 9.61 -4.97 3.23
CA ALA B 238 10.97 -5.49 3.38
C ALA B 238 11.59 -5.42 4.76
N GLN B 239 11.60 -4.25 5.38
CA GLN B 239 12.18 -4.08 6.71
C GLN B 239 11.17 -3.64 7.77
N GLY B 240 9.92 -4.09 7.62
CA GLY B 240 8.83 -3.78 8.57
C GLY B 240 8.40 -2.33 8.73
N GLY B 241 8.35 -1.57 7.65
CA GLY B 241 8.03 -0.13 7.78
C GLY B 241 7.00 0.40 6.81
N ALA B 242 6.48 -0.42 5.91
CA ALA B 242 5.42 0.05 5.01
C ALA B 242 4.32 0.74 5.74
N GLY B 243 3.59 1.54 4.97
CA GLY B 243 2.47 2.28 5.50
C GLY B 243 2.71 3.67 6.00
N GLU B 244 3.93 4.16 5.93
CA GLU B 244 4.18 5.55 6.34
C GLU B 244 3.61 6.50 5.28
N PHE B 245 2.30 6.38 5.08
CA PHE B 245 1.60 7.18 4.12
C PHE B 245 1.54 8.63 4.51
N GLY B 246 1.80 8.93 5.76
CA GLY B 246 1.73 10.35 6.17
C GLY B 246 2.86 11.19 5.64
N HIS B 247 3.94 10.56 5.14
CA HIS B 247 5.04 11.34 4.60
C HIS B 247 5.19 11.20 3.10
N THR B 248 4.07 10.92 2.43
CA THR B 248 4.05 10.93 1.01
C THR B 248 3.81 12.40 0.74
N THR B 249 4.43 12.94 -0.29
CA THR B 249 4.29 14.36 -0.63
C THR B 249 2.95 14.65 -1.34
N ILE B 250 2.12 15.49 -0.75
CA ILE B 250 0.84 15.82 -1.35
C ILE B 250 0.82 17.24 -1.80
N GLN B 251 1.87 17.99 -1.47
CA GLN B 251 2.01 19.41 -1.88
C GLN B 251 3.54 19.74 -1.96
N PRO B 252 4.16 19.58 -3.15
CA PRO B 252 5.59 19.85 -3.27
C PRO B 252 5.98 21.18 -2.67
N GLY B 253 7.09 21.21 -1.97
CA GLY B 253 7.54 22.41 -1.34
C GLY B 253 6.49 23.14 -0.49
N GLY B 254 5.65 22.42 0.27
CA GLY B 254 4.64 23.04 1.14
C GLY B 254 5.14 22.90 2.56
N TYR B 255 4.21 22.83 3.54
CA TYR B 255 4.55 22.92 5.00
C TYR B 255 5.64 21.99 5.44
N LYS B 256 6.59 22.52 6.22
CA LYS B 256 7.74 21.76 6.73
C LYS B 256 7.34 20.62 7.67
N CYS B 257 7.42 19.40 7.20
CA CYS B 257 7.04 18.28 8.05
C CYS B 257 8.04 18.20 9.21
N HIS B 258 7.66 17.55 10.32
CA HIS B 258 8.63 17.28 11.45
C HIS B 258 9.65 16.21 10.98
N CYS B 259 9.39 15.55 9.83
CA CYS B 259 10.35 14.56 9.31
C CYS B 259 11.58 15.13 8.56
N GLY B 260 11.53 16.41 8.14
CA GLY B 260 12.61 17.01 7.36
C GLY B 260 12.17 17.35 5.93
N GLN B 261 11.37 16.45 5.37
CA GLN B 261 10.79 16.63 4.08
C GLN B 261 9.84 17.85 4.13
N LYS B 262 9.37 18.30 2.97
CA LYS B 262 8.40 19.34 2.89
C LYS B 262 7.12 18.81 2.27
N GLY B 263 6.03 19.49 2.56
CA GLY B 263 4.71 19.12 2.10
C GLY B 263 4.21 17.72 2.33
N CYS B 264 4.50 17.18 3.47
CA CYS B 264 3.95 15.84 3.70
C CYS B 264 2.46 15.90 3.85
N LEU B 265 1.85 14.77 3.53
CA LEU B 265 0.41 14.57 3.62
C LEU B 265 -0.09 14.88 5.03
N GLU B 266 0.65 14.33 5.97
CA GLU B 266 0.35 14.43 7.39
C GLU B 266 0.30 15.84 7.89
N MET B 267 0.91 16.80 7.19
CA MET B 267 0.82 18.25 7.56
C MET B 267 -0.45 18.92 7.03
N TYR B 268 -1.27 18.20 6.28
CA TYR B 268 -2.48 18.81 5.70
C TYR B 268 -3.72 17.98 6.03
N ALA B 269 -3.50 16.71 6.31
CA ALA B 269 -4.63 15.79 6.49
C ALA B 269 -4.75 15.25 7.94
N SER B 270 -4.44 16.07 8.95
CA SER B 270 -4.39 15.62 10.33
C SER B 270 -4.32 16.76 11.30
N GLU B 271 -4.39 16.46 12.60
CA GLU B 271 -4.32 17.52 13.63
C GLU B 271 -3.19 18.58 13.37
N PHE B 272 -2.09 18.17 12.75
CA PHE B 272 -0.97 19.08 12.46
C PHE B 272 -1.37 20.17 11.52
N TYR B 273 -2.33 19.91 10.64
CA TYR B 273 -2.79 20.99 9.75
C TYR B 273 -3.15 22.26 10.50
N PHE B 274 -3.75 22.14 11.71
CA PHE B 274 -4.27 23.30 12.39
C PHE B 274 -3.15 24.16 13.00
N ARG B 275 -2.14 23.51 13.56
CA ARG B 275 -0.89 24.20 13.98
C ARG B 275 -0.29 24.98 12.75
N ASN B 276 -0.12 24.29 11.61
CA ASN B 276 0.46 24.88 10.36
C ASN B 276 -0.34 25.96 9.62
N ARG B 277 -1.66 25.88 9.65
CA ARG B 277 -2.47 26.86 8.92
C ARG B 277 -3.20 27.80 9.88
N GLY B 278 -3.28 27.43 11.15
CA GLY B 278 -4.06 28.20 12.15
C GLY B 278 -3.78 29.69 12.24
N GLU B 279 -2.50 30.00 12.40
CA GLU B 279 -2.02 31.37 12.55
C GLU B 279 -2.19 32.23 11.28
N GLU B 280 -2.02 31.63 10.11
CA GLU B 280 -2.15 32.36 8.83
C GLU B 280 -3.61 32.73 8.57
N LEU B 281 -4.55 31.88 9.05
CA LEU B 281 -5.99 32.15 8.88
C LEU B 281 -6.50 33.21 9.86
N LYS B 282 -6.03 33.21 11.11
CA LYS B 282 -6.45 34.27 12.03
C LYS B 282 -6.55 35.62 11.31
N GLU B 283 -5.58 35.91 10.45
CA GLU B 283 -5.56 37.18 9.69
C GLU B 283 -6.74 37.36 8.73
N ALA B 284 -7.24 36.26 8.16
CA ALA B 284 -8.39 36.27 7.25
C ALA B 284 -9.74 36.10 7.95
N TYR B 285 -9.73 35.97 9.28
CA TYR B 285 -10.94 35.75 10.10
C TYR B 285 -10.76 36.36 11.50
N PRO B 286 -11.17 37.62 11.71
CA PRO B 286 -11.21 38.10 13.12
C PRO B 286 -12.64 38.38 13.65
N LEU B 290 -11.66 32.07 18.06
CA LEU B 290 -10.92 30.81 18.23
C LEU B 290 -9.43 31.02 18.53
N ASN B 291 -8.92 30.42 19.62
CA ASN B 291 -7.49 30.58 19.97
C ASN B 291 -6.68 29.27 19.89
N ASP B 292 -7.20 28.21 20.50
CA ASP B 292 -6.57 26.87 20.58
C ASP B 292 -6.81 26.05 19.25
N PHE B 293 -5.76 25.40 18.75
CA PHE B 293 -5.80 24.62 17.52
C PHE B 293 -5.59 23.14 17.71
N HIS B 294 -5.97 22.64 18.87
CA HIS B 294 -5.97 21.19 19.05
C HIS B 294 -7.20 20.74 18.23
N PHE B 295 -7.25 19.46 17.90
CA PHE B 295 -8.36 18.94 17.13
C PHE B 295 -9.72 19.14 17.81
N ASP B 296 -9.90 18.54 18.98
CA ASP B 296 -11.21 18.61 19.66
C ASP B 296 -11.69 20.07 19.88
N LYS B 297 -10.72 20.97 20.04
CA LYS B 297 -11.05 22.40 20.07
C LYS B 297 -11.56 22.98 18.74
N VAL B 298 -10.88 22.68 17.65
CA VAL B 298 -11.33 23.18 16.34
C VAL B 298 -12.68 22.60 15.99
N ALA B 299 -12.78 21.29 16.15
CA ALA B 299 -14.03 20.56 15.90
C ALA B 299 -15.26 21.19 16.59
N LYS B 300 -15.23 21.16 17.91
CA LYS B 300 -16.27 21.78 18.73
C LYS B 300 -16.66 23.24 18.35
N SER B 301 -15.67 24.01 17.87
CA SER B 301 -15.84 25.39 17.53
C SER B 301 -16.55 25.47 16.24
N ALA B 302 -16.20 24.54 15.36
CA ALA B 302 -16.86 24.42 14.05
C ALA B 302 -18.32 24.13 14.32
N ARG B 303 -18.58 23.08 15.11
CA ARG B 303 -19.95 22.67 15.43
C ARG B 303 -20.75 23.79 16.00
N ALA B 304 -20.08 24.81 16.48
CA ALA B 304 -20.72 26.00 16.99
C ALA B 304 -20.85 27.07 15.89
N GLY B 305 -20.43 26.74 14.69
CA GLY B 305 -20.61 27.66 13.59
C GLY B 305 -19.53 28.69 13.36
N ASP B 306 -18.35 28.48 13.91
CA ASP B 306 -17.24 29.40 13.65
C ASP B 306 -16.76 29.21 12.20
N GLU B 307 -16.56 30.31 11.49
CA GLU B 307 -16.15 30.19 10.10
C GLU B 307 -14.74 29.69 9.90
N MET B 308 -13.80 30.20 10.71
CA MET B 308 -12.42 29.80 10.59
C MET B 308 -12.28 28.31 10.85
N ALA B 309 -12.74 27.86 12.02
CA ALA B 309 -12.67 26.45 12.40
C ALA B 309 -13.21 25.53 11.33
N THR B 310 -14.35 25.94 10.76
CA THR B 310 -15.05 25.24 9.69
C THR B 310 -14.18 25.11 8.42
N GLU B 311 -13.60 26.22 7.99
CA GLU B 311 -12.65 26.21 6.87
C GLU B 311 -11.53 25.22 7.22
N LEU B 312 -10.98 25.29 8.43
CA LEU B 312 -9.91 24.35 8.81
C LEU B 312 -10.38 22.93 8.80
N MET B 313 -11.57 22.70 9.31
CA MET B 313 -12.05 21.33 9.43
C MET B 313 -12.34 20.82 8.01
N GLY B 314 -12.67 21.75 7.11
CA GLY B 314 -13.01 21.43 5.73
C GLY B 314 -11.84 21.01 4.89
N LYS B 315 -10.79 21.82 4.93
CA LYS B 315 -9.53 21.52 4.25
C LYS B 315 -8.84 20.26 4.76
N MET B 316 -8.89 20.03 6.06
CA MET B 316 -8.29 18.80 6.59
C MET B 316 -8.97 17.60 5.93
N GLY B 317 -10.28 17.68 5.77
CA GLY B 317 -11.04 16.61 5.13
C GLY B 317 -10.74 16.45 3.65
N GLU B 318 -10.52 17.56 2.94
CA GLU B 318 -10.09 17.45 1.51
C GLU B 318 -8.80 16.66 1.44
N TYR B 319 -7.79 17.17 2.15
CA TYR B 319 -6.44 16.57 2.07
C TYR B 319 -6.48 15.12 2.53
N LEU B 320 -7.36 14.85 3.48
CA LEU B 320 -7.45 13.48 3.95
C LEU B 320 -8.04 12.69 2.79
N GLY B 321 -9.07 13.27 2.19
CA GLY B 321 -9.64 12.77 0.96
C GLY B 321 -8.61 12.45 -0.13
N TYR B 322 -7.61 13.32 -0.37
CA TYR B 322 -6.57 12.97 -1.35
C TYR B 322 -5.78 11.75 -0.92
N GLY B 323 -5.42 11.74 0.35
CA GLY B 323 -4.64 10.63 0.92
C GLY B 323 -5.34 9.31 0.72
N ILE B 324 -6.65 9.29 0.92
CA ILE B 324 -7.39 8.03 0.71
C ILE B 324 -7.54 7.71 -0.75
N ARG B 325 -7.77 8.72 -1.59
CA ARG B 325 -7.79 8.46 -3.04
C ARG B 325 -6.45 7.86 -3.45
N ASN B 326 -5.34 8.41 -2.94
CA ASN B 326 -4.03 7.83 -3.34
C ASN B 326 -3.82 6.39 -2.86
N ILE B 327 -4.41 6.06 -1.71
CA ILE B 327 -4.35 4.72 -1.15
C ILE B 327 -5.17 3.80 -2.01
N ILE B 328 -6.28 4.30 -2.55
CA ILE B 328 -7.13 3.46 -3.40
C ILE B 328 -6.45 3.18 -4.74
N ASN B 329 -6.03 4.23 -5.45
CA ASN B 329 -5.34 4.01 -6.72
C ASN B 329 -4.11 3.16 -6.52
N THR B 330 -3.64 3.04 -5.31
CA THR B 330 -2.39 2.36 -5.11
C THR B 330 -2.59 0.94 -4.71
N PHE B 331 -3.24 0.68 -3.59
CA PHE B 331 -3.41 -0.67 -3.13
C PHE B 331 -4.66 -1.35 -3.61
N ASN B 332 -5.63 -0.54 -4.01
CA ASN B 332 -6.93 -1.03 -4.43
C ASN B 332 -7.62 -1.95 -3.41
N PRO B 333 -7.89 -1.47 -2.19
CA PRO B 333 -8.58 -2.32 -1.18
C PRO B 333 -10.10 -2.46 -1.34
N GLU B 334 -10.66 -3.49 -0.70
CA GLU B 334 -12.11 -3.76 -0.70
C GLU B 334 -12.83 -2.62 -0.05
N LYS B 335 -12.37 -2.26 1.15
CA LYS B 335 -12.93 -1.18 1.89
C LYS B 335 -11.80 -0.47 2.56
N VAL B 336 -12.03 0.78 2.98
CA VAL B 336 -11.06 1.55 3.80
C VAL B 336 -11.74 1.81 5.18
N ILE B 337 -10.95 1.77 6.25
CA ILE B 337 -11.50 2.00 7.59
C ILE B 337 -10.88 3.22 8.24
N ILE B 338 -11.63 4.28 8.48
CA ILE B 338 -11.07 5.45 9.12
C ILE B 338 -11.21 5.33 10.63
N VAL B 339 -10.18 5.76 11.36
CA VAL B 339 -10.15 5.69 12.80
C VAL B 339 -9.52 6.90 13.41
N GLY B 340 -10.12 7.40 14.50
CA GLY B 340 -9.56 8.56 15.20
C GLY B 340 -8.52 8.10 16.22
N GLU B 341 -7.43 8.84 16.41
CA GLU B 341 -6.42 8.48 17.38
C GLU B 341 -6.34 9.71 18.23
N GLY B 342 -6.87 9.60 19.46
CA GLY B 342 -7.01 10.74 20.32
C GLY B 342 -8.14 11.63 19.83
N LEU B 343 -9.03 11.09 18.98
CA LEU B 343 -10.19 11.84 18.50
C LEU B 343 -11.27 10.92 17.95
N HIS B 344 -12.47 11.46 17.85
CA HIS B 344 -13.66 10.68 17.49
C HIS B 344 -13.90 10.90 16.02
N HIS B 345 -13.75 9.84 15.24
CA HIS B 345 -13.92 9.97 13.78
C HIS B 345 -15.20 10.70 13.33
N ARG B 346 -16.29 10.64 14.10
CA ARG B 346 -17.51 11.36 13.67
C ARG B 346 -17.33 12.88 13.58
N ASP B 347 -16.30 13.36 14.27
CA ASP B 347 -16.02 14.76 14.30
C ASP B 347 -15.38 15.18 13.02
N LEU B 348 -14.92 14.21 12.22
CA LEU B 348 -14.31 14.52 10.94
C LEU B 348 -15.39 14.87 9.94
N PHE B 349 -15.01 15.55 8.85
CA PHE B 349 -15.96 15.91 7.75
C PHE B 349 -16.02 14.76 6.77
N LEU B 350 -16.69 13.69 7.16
CA LEU B 350 -16.71 12.44 6.40
C LEU B 350 -17.26 12.61 4.98
N THR B 351 -18.15 13.58 4.79
CA THR B 351 -18.77 13.74 3.48
C THR B 351 -17.78 14.33 2.53
N LYS B 352 -16.90 15.25 2.98
CA LYS B 352 -15.80 15.73 2.10
C LYS B 352 -14.75 14.67 1.88
N ILE B 353 -14.44 13.86 2.88
CA ILE B 353 -13.44 12.81 2.63
C ILE B 353 -13.93 11.86 1.53
N ASP B 354 -15.19 11.46 1.62
CA ASP B 354 -15.73 10.53 0.67
C ASP B 354 -15.98 11.17 -0.70
N GLU B 355 -16.38 12.45 -0.73
CA GLU B 355 -16.54 13.21 -2.00
C GLU B 355 -15.23 13.20 -2.80
N ILE B 356 -14.10 13.34 -2.11
CA ILE B 356 -12.83 13.34 -2.74
C ILE B 356 -12.26 11.97 -2.97
N ALA B 357 -12.45 11.09 -2.02
CA ALA B 357 -11.85 9.78 -2.12
C ALA B 357 -12.50 8.93 -3.16
N SER B 358 -13.81 9.00 -3.27
CA SER B 358 -14.50 8.16 -4.24
C SER B 358 -14.24 8.57 -5.67
N GLN B 359 -13.68 9.76 -5.92
CA GLN B 359 -13.18 10.14 -7.26
C GLN B 359 -11.78 9.55 -7.52
N ASN B 360 -11.70 8.23 -7.62
CA ASN B 360 -10.47 7.53 -8.01
C ASN B 360 -10.51 6.94 -9.41
N PHE B 361 -9.53 6.11 -9.68
CA PHE B 361 -9.36 5.50 -10.99
C PHE B 361 -10.24 4.25 -11.24
N PHE B 362 -10.63 3.54 -10.20
CA PHE B 362 -11.42 2.33 -10.39
C PHE B 362 -12.88 2.66 -10.42
N SER B 363 -13.22 3.88 -10.02
CA SER B 363 -14.63 4.30 -10.01
C SER B 363 -15.11 4.69 -11.38
N GLY B 364 -14.20 5.18 -12.23
CA GLY B 364 -14.51 5.50 -13.64
C GLY B 364 -15.15 4.30 -14.33
N ALA B 365 -14.53 3.15 -14.10
CA ALA B 365 -15.07 1.84 -14.52
C ALA B 365 -16.10 1.40 -13.49
N GLY B 366 -16.79 2.36 -12.88
CA GLY B 366 -17.77 2.09 -11.84
C GLY B 366 -17.46 1.17 -10.67
N PHE B 367 -16.22 1.11 -10.18
CA PHE B 367 -15.90 0.26 -9.00
C PHE B 367 -15.69 1.11 -7.78
N GLU B 368 -16.78 1.19 -7.01
CA GLU B 368 -16.86 2.01 -5.83
C GLU B 368 -16.21 1.28 -4.65
N THR B 369 -15.27 1.96 -3.99
CA THR B 369 -14.59 1.35 -2.87
C THR B 369 -15.29 1.83 -1.63
N GLU B 370 -15.57 0.91 -0.74
CA GLU B 370 -16.32 1.26 0.46
C GLU B 370 -15.40 2.01 1.42
N ILE B 371 -15.87 3.13 1.92
CA ILE B 371 -15.09 3.93 2.83
C ILE B 371 -15.92 4.19 4.10
N THR B 372 -15.50 3.65 5.23
CA THR B 372 -16.24 3.82 6.45
C THR B 372 -15.39 4.08 7.65
N THR B 373 -16.05 4.49 8.74
CA THR B 373 -15.40 4.62 10.04
C THR B 373 -15.44 3.28 10.73
N THR B 374 -14.67 3.19 11.80
CA THR B 374 -14.55 1.98 12.58
C THR B 374 -15.80 1.78 13.45
N SER B 375 -15.98 0.55 13.90
CA SER B 375 -17.08 0.23 14.78
C SER B 375 -16.53 0.00 16.17
N LEU B 376 -15.24 -0.33 16.26
CA LEU B 376 -14.60 -0.55 17.52
C LEU B 376 -14.48 0.76 18.31
N GLU B 377 -13.99 0.63 19.54
CA GLU B 377 -13.76 1.75 20.45
C GLU B 377 -12.32 1.78 20.98
N ASP B 378 -11.97 2.84 21.70
CA ASP B 378 -10.64 3.02 22.37
C ASP B 378 -9.96 1.71 22.80
N PRO B 379 -10.68 0.86 23.54
CA PRO B 379 -9.97 -0.34 23.99
C PRO B 379 -9.36 -1.16 22.88
N ALA B 380 -9.93 -1.12 21.66
CA ALA B 380 -9.36 -1.92 20.58
C ALA B 380 -7.87 -1.65 20.29
N TRP B 381 -7.31 -0.53 20.72
CA TRP B 381 -5.87 -0.34 20.57
C TRP B 381 -5.15 -1.33 21.46
N LEU B 382 -5.67 -1.52 22.68
CA LEU B 382 -5.08 -2.44 23.66
C LEU B 382 -5.43 -3.89 23.34
N GLN B 383 -6.66 -4.14 22.87
CA GLN B 383 -7.00 -5.48 22.36
C GLN B 383 -6.08 -5.83 21.15
N GLY B 384 -5.80 -4.80 20.35
CA GLY B 384 -4.95 -4.94 19.21
C GLY B 384 -3.62 -5.51 19.63
N ALA B 385 -3.02 -4.89 20.63
CA ALA B 385 -1.74 -5.34 21.17
C ALA B 385 -1.82 -6.72 21.88
N ALA B 386 -3.01 -7.09 22.33
CA ALA B 386 -3.18 -8.41 22.92
C ALA B 386 -3.31 -9.41 21.77
N LEU B 387 -3.99 -9.00 20.68
CA LEU B 387 -4.16 -9.88 19.49
C LEU B 387 -2.84 -10.15 18.79
N LEU B 388 -1.93 -9.21 18.97
CA LEU B 388 -0.56 -9.37 18.53
C LEU B 388 0.05 -10.62 19.08
N VAL B 389 -0.22 -10.90 20.35
CA VAL B 389 0.33 -12.11 20.98
C VAL B 389 -0.51 -13.27 20.72
N ILE B 390 -1.83 -13.08 20.82
CA ILE B 390 -2.78 -14.17 20.59
C ILE B 390 -2.80 -14.74 19.20
N HIS B 391 -2.68 -13.89 18.17
CA HIS B 391 -2.77 -14.41 16.82
C HIS B 391 -1.45 -15.08 16.44
N GLN B 392 -0.43 -14.94 17.25
CA GLN B 392 0.82 -15.56 16.91
C GLN B 392 0.96 -16.97 17.50
N LEU B 393 0.02 -17.38 18.35
CA LEU B 393 -0.02 -18.76 18.84
C LEU B 393 -1.01 -19.51 17.95
ZN ZN C . -5.19 10.60 -13.70
ZN ZN D . 7.03 14.06 6.70
#